data_1OPL
#
_entry.id   1OPL
#
_cell.length_a   77.017
_cell.length_b   273.384
_cell.length_c   124.384
_cell.angle_alpha   90.00
_cell.angle_beta   90.00
_cell.angle_gamma   90.00
#
_symmetry.space_group_name_H-M   'C 2 2 21'
#
loop_
_entity.id
_entity.type
_entity.pdbx_description
1 polymer 'proto-oncogene tyrosine-protein kinase'
2 non-polymer 'MYRISTIC ACID'
3 non-polymer 6-(2,6-DICHLOROPHENYL)-2-{[3-(HYDROXYMETHYL)PHENYL]AMINO}-8-METHYLPYRIDO[2,3-D]PYRIMIDIN-7(8H)-ONE
#
_entity_poly.entity_id   1
_entity_poly.type   'polypeptide(L)'
_entity_poly.pdbx_seq_one_letter_code
;MGQQPGKVLGDQRRPSLPALHFIKGAGKRDSSRHGGPHCNVFVEHEALQRPVASDFEPQGLSEAARWNSKENLLAGPSEN
DPNLFVALYDFVASGDNTLSITKGEKLRVLGYNHNGEWCEAQTKNGQGWVPSNYITPVNSLEKHSWYHGPVSRNAAEYLL
SSGINGSFLVRESESSPGQRSISLRYEGRVYHYRINTASDGKLYVSSESRFNTLAELVHHHSTVADGLITTLHYPAPKRN
KPTVYGVSPNYDKWEMERTDITMKHKLGGGQYGEVYEGVWKKYSLTVAVKTLKEDTMEVEEFLKEAAVMKEIKHPNLVQL
LGVCTREPPFYIITEFMTYGNLLDYLRECNRQEVNAVVLLYMATQISSAMEYLEKKNFIHRNLAARNCLVGENHLVKVAD
FGLSRLMTGDTYTAHAGAKFPIKWTAPESLAYNKFSIKSDVWAFGVLLWEIATYGMSPYPGIDLSQVYELLEKDYRMERP
EGCPEKVYELMRACWQWNPSDRPSFAEIHQAFETMFQESSISDEVEKELGKENLYFQ
;
_entity_poly.pdbx_strand_id   A,B
#
loop_
_chem_comp.id
_chem_comp.type
_chem_comp.name
_chem_comp.formula
MYR non-polymer 'MYRISTIC ACID' 'C14 H28 O2'
P16 non-polymer 6-(2,6-DICHLOROPHENYL)-2-{[3-(HYDROXYMETHYL)PHENYL]AMINO}-8-METHYLPYRIDO[2,3-D]PYRIMIDIN-7(8H)-ONE 'C21 H16 Cl2 N4 O2'
#
# COMPACT_ATOMS: atom_id res chain seq x y z
N ASP A 81 49.18 -14.92 31.56
CA ASP A 81 50.14 -13.91 31.25
C ASP A 81 49.54 -12.50 31.42
N PRO A 82 50.15 -11.71 32.35
CA PRO A 82 49.75 -10.33 32.59
C PRO A 82 49.76 -9.48 31.30
N ASN A 83 48.60 -8.85 31.04
CA ASN A 83 48.40 -7.90 29.93
C ASN A 83 48.24 -8.51 28.54
N LEU A 84 47.98 -9.87 28.43
CA LEU A 84 47.85 -10.51 27.09
C LEU A 84 46.48 -10.36 26.43
N PHE A 85 46.56 -10.05 25.13
CA PHE A 85 45.37 -9.81 24.30
C PHE A 85 45.32 -10.77 23.13
N VAL A 86 44.13 -10.94 22.56
CA VAL A 86 43.97 -11.79 21.39
C VAL A 86 43.17 -10.99 20.36
N ALA A 87 43.54 -11.10 19.08
CA ALA A 87 42.84 -10.39 18.02
C ALA A 87 41.47 -11.00 17.70
N LEU A 88 40.45 -10.16 17.65
CA LEU A 88 39.08 -10.61 17.35
C LEU A 88 38.73 -10.45 15.87
N TYR A 89 39.50 -9.61 15.18
CA TYR A 89 39.30 -9.35 13.76
C TYR A 89 40.64 -9.16 13.06
N ASP A 90 40.71 -9.48 11.76
CA ASP A 90 41.93 -9.26 11.00
C ASP A 90 42.04 -7.73 10.80
N PHE A 91 43.26 -7.23 10.67
CA PHE A 91 43.49 -5.81 10.41
C PHE A 91 44.75 -5.74 9.56
N VAL A 92 44.68 -5.04 8.42
CA VAL A 92 45.82 -4.92 7.52
C VAL A 92 46.53 -3.57 7.68
N ALA A 93 47.85 -3.61 7.78
CA ALA A 93 48.64 -2.39 7.93
C ALA A 93 48.78 -1.63 6.61
N SER A 94 48.64 -0.31 6.69
CA SER A 94 48.78 0.56 5.52
C SER A 94 49.29 1.94 5.91
N GLY A 95 48.81 2.44 7.05
CA GLY A 95 49.31 3.71 7.56
C GLY A 95 50.64 3.20 8.11
N ASP A 96 51.76 3.76 7.68
CA ASP A 96 53.04 3.21 8.12
C ASP A 96 53.27 2.93 9.62
N ASN A 97 52.57 3.63 10.51
CA ASN A 97 52.80 3.31 11.92
C ASN A 97 51.80 2.30 12.48
N THR A 98 50.96 1.76 11.59
CA THR A 98 49.97 0.76 11.99
C THR A 98 50.56 -0.63 11.76
N LEU A 99 49.99 -1.64 12.41
CA LEU A 99 50.48 -3.03 12.34
C LEU A 99 49.42 -4.03 11.91
N SER A 100 49.79 -4.98 11.03
CA SER A 100 48.85 -6.00 10.55
C SER A 100 48.71 -7.12 11.57
N ILE A 101 47.47 -7.54 11.84
CA ILE A 101 47.22 -8.63 12.78
C ILE A 101 46.20 -9.61 12.20
N THR A 102 46.24 -10.86 12.67
CA THR A 102 45.36 -11.91 12.18
C THR A 102 44.47 -12.35 13.32
N LYS A 103 43.19 -12.54 13.04
CA LYS A 103 42.27 -13.00 14.07
C LYS A 103 42.85 -14.23 14.79
N GLY A 104 42.81 -14.20 16.11
CA GLY A 104 43.31 -15.29 16.93
C GLY A 104 44.75 -15.18 17.41
N GLU A 105 45.48 -14.23 16.84
CA GLU A 105 46.88 -14.04 17.22
C GLU A 105 47.00 -13.32 18.56
N LYS A 106 48.06 -13.61 19.32
CA LYS A 106 48.25 -12.97 20.61
C LYS A 106 49.02 -11.67 20.43
N LEU A 107 48.79 -10.71 21.32
CA LEU A 107 49.47 -9.41 21.26
C LEU A 107 49.72 -8.90 22.67
N ARG A 108 50.73 -8.05 22.80
CA ARG A 108 51.06 -7.40 24.07
C ARG A 108 50.74 -5.93 23.78
N VAL A 109 49.99 -5.26 24.66
CA VAL A 109 49.65 -3.86 24.41
C VAL A 109 50.61 -2.96 25.20
N LEU A 110 51.20 -1.98 24.51
CA LEU A 110 52.16 -1.07 25.13
C LEU A 110 51.56 0.24 25.61
N GLY A 111 50.55 0.74 24.91
CA GLY A 111 49.96 2.00 25.34
C GLY A 111 48.84 2.41 24.39
N TYR A 112 48.15 3.50 24.71
CA TYR A 112 47.03 3.96 23.88
C TYR A 112 47.27 5.34 23.29
N ASN A 113 46.50 5.67 22.25
CA ASN A 113 46.62 6.99 21.62
C ASN A 113 45.79 7.97 22.44
N HIS A 114 45.60 9.18 21.91
CA HIS A 114 44.90 10.23 22.66
C HIS A 114 43.48 9.97 23.13
N ASN A 115 42.73 9.14 22.42
CA ASN A 115 41.36 8.89 22.86
C ASN A 115 41.11 7.42 23.23
N GLY A 116 42.17 6.62 23.26
CA GLY A 116 42.00 5.22 23.62
C GLY A 116 41.43 4.33 22.51
N GLU A 117 41.14 4.93 21.34
CA GLU A 117 40.58 4.16 20.23
C GLU A 117 41.59 3.32 19.47
N TRP A 118 42.88 3.60 19.66
CA TRP A 118 43.95 2.84 19.03
C TRP A 118 44.97 2.49 20.10
N CYS A 119 45.72 1.41 19.90
CA CYS A 119 46.73 1.06 20.91
C CYS A 119 47.97 0.54 20.19
N GLU A 120 49.12 0.73 20.83
CA GLU A 120 50.37 0.26 20.25
C GLU A 120 50.58 -1.15 20.78
N ALA A 121 50.77 -2.09 19.88
CA ALA A 121 50.91 -3.47 20.29
C ALA A 121 52.09 -4.15 19.66
N GLN A 122 52.50 -5.27 20.26
CA GLN A 122 53.60 -6.05 19.74
C GLN A 122 53.09 -7.47 19.48
N THR A 123 53.50 -8.03 18.36
CA THR A 123 53.12 -9.40 18.06
C THR A 123 54.42 -10.06 17.66
N LYS A 124 54.35 -11.34 17.30
CA LYS A 124 55.55 -12.04 16.87
C LYS A 124 56.01 -11.48 15.52
N ASN A 125 55.13 -10.72 14.85
CA ASN A 125 55.47 -10.16 13.54
C ASN A 125 56.05 -8.76 13.59
N GLY A 126 55.72 -8.01 14.62
CA GLY A 126 56.24 -6.67 14.72
C GLY A 126 55.59 -5.84 15.80
N GLN A 127 55.62 -4.53 15.61
CA GLN A 127 55.06 -3.62 16.58
C GLN A 127 54.43 -2.45 15.83
N GLY A 128 53.27 -2.00 16.29
CA GLY A 128 52.63 -0.89 15.62
C GLY A 128 51.26 -0.61 16.17
N TRP A 129 50.58 0.38 15.60
CA TRP A 129 49.25 0.75 16.05
C TRP A 129 48.14 -0.09 15.42
N VAL A 130 47.18 -0.50 16.25
CA VAL A 130 46.01 -1.25 15.78
C VAL A 130 44.78 -0.69 16.49
N PRO A 131 43.57 -0.85 15.91
CA PRO A 131 42.36 -0.34 16.56
C PRO A 131 42.14 -1.07 17.87
N SER A 132 41.84 -0.35 18.95
CA SER A 132 41.67 -0.98 20.24
C SER A 132 40.56 -2.00 20.34
N ASN A 133 39.46 -1.77 19.63
CA ASN A 133 38.37 -2.73 19.73
C ASN A 133 38.47 -3.90 18.74
N TYR A 134 39.61 -4.04 18.09
CA TYR A 134 39.82 -5.18 17.20
C TYR A 134 40.49 -6.29 18.02
N ILE A 135 40.84 -5.97 19.27
CA ILE A 135 41.47 -6.95 20.16
C ILE A 135 40.82 -6.97 21.54
N THR A 136 41.12 -8.01 22.33
CA THR A 136 40.54 -8.10 23.66
C THR A 136 41.47 -8.87 24.58
N PRO A 137 41.41 -8.63 25.90
CA PRO A 137 42.28 -9.34 26.85
C PRO A 137 42.03 -10.85 26.75
N VAL A 138 43.08 -11.66 26.88
CA VAL A 138 42.84 -13.10 26.81
C VAL A 138 41.90 -13.48 27.96
N ASN A 139 41.93 -12.68 29.01
CA ASN A 139 41.02 -12.92 30.16
C ASN A 139 39.76 -11.97 30.06
N SER A 140 38.72 -12.26 29.26
CA SER A 140 37.52 -11.43 29.06
C SER A 140 36.52 -12.32 28.30
N LEU A 141 35.23 -12.09 28.43
CA LEU A 141 34.25 -12.94 27.75
C LEU A 141 34.22 -12.79 26.24
N GLU A 142 34.63 -11.63 25.75
CA GLU A 142 34.62 -11.35 24.32
C GLU A 142 35.47 -12.26 23.46
N LYS A 143 36.39 -13.00 24.08
CA LYS A 143 37.23 -13.92 23.34
C LYS A 143 36.43 -15.12 22.78
N HIS A 144 35.23 -15.37 23.31
CA HIS A 144 34.42 -16.51 22.86
C HIS A 144 33.62 -16.15 21.60
N SER A 145 33.63 -17.02 20.59
CA SER A 145 32.90 -16.69 19.36
C SER A 145 31.41 -16.50 19.63
N TRP A 146 30.86 -17.20 20.60
CA TRP A 146 29.44 -17.07 20.87
C TRP A 146 29.06 -15.88 21.74
N TYR A 147 30.03 -15.20 22.33
CA TYR A 147 29.72 -14.05 23.17
C TYR A 147 29.71 -12.78 22.34
N HIS A 148 28.51 -12.23 22.15
CA HIS A 148 28.37 -11.00 21.35
C HIS A 148 28.20 -9.71 22.15
N GLY A 149 28.32 -9.80 23.46
CA GLY A 149 28.22 -8.61 24.29
C GLY A 149 26.92 -7.85 24.21
N PRO A 150 26.98 -6.51 24.18
CA PRO A 150 25.79 -5.66 24.12
C PRO A 150 25.08 -5.67 22.77
N VAL A 151 24.18 -6.65 22.60
CA VAL A 151 23.39 -6.79 21.39
C VAL A 151 21.98 -6.92 21.94
N SER A 152 21.02 -6.27 21.31
CA SER A 152 19.65 -6.33 21.79
C SER A 152 18.93 -7.59 21.34
N ARG A 153 17.77 -7.84 21.95
CA ARG A 153 16.94 -8.99 21.60
C ARG A 153 16.65 -8.94 20.10
N ASN A 154 16.23 -7.79 19.58
CA ASN A 154 15.92 -7.70 18.16
C ASN A 154 17.16 -7.88 17.27
N ALA A 155 18.30 -7.34 17.69
CA ALA A 155 19.52 -7.49 16.89
C ALA A 155 19.91 -8.97 16.88
N ALA A 156 19.73 -9.64 18.01
CA ALA A 156 20.06 -11.06 18.09
C ALA A 156 19.19 -11.84 17.10
N GLU A 157 17.90 -11.51 17.02
CA GLU A 157 17.05 -12.20 16.05
C GLU A 157 17.54 -11.96 14.62
N TYR A 158 18.10 -10.77 14.34
CA TYR A 158 18.62 -10.53 13.00
C TYR A 158 19.86 -11.39 12.78
N LEU A 159 20.77 -11.39 13.73
CA LEU A 159 22.02 -12.15 13.57
C LEU A 159 21.73 -13.63 13.33
N LEU A 160 20.71 -14.15 13.99
CA LEU A 160 20.38 -15.55 13.86
C LEU A 160 19.46 -15.84 12.68
N SER A 161 19.03 -14.81 11.96
CA SER A 161 18.16 -15.06 10.83
C SER A 161 18.97 -15.72 9.69
N SER A 162 20.30 -15.62 9.73
CA SER A 162 21.15 -16.24 8.70
C SER A 162 21.69 -17.60 9.14
N GLY A 163 21.22 -18.08 10.29
CA GLY A 163 21.72 -19.35 10.80
C GLY A 163 20.90 -20.58 10.48
N ILE A 164 21.08 -21.62 11.30
CA ILE A 164 20.38 -22.89 11.15
C ILE A 164 19.98 -23.39 12.53
N ASN A 165 19.33 -24.56 12.61
CA ASN A 165 18.96 -25.08 13.92
C ASN A 165 20.24 -25.21 14.76
N GLY A 166 20.21 -24.71 15.99
CA GLY A 166 21.39 -24.81 16.84
C GLY A 166 22.30 -23.57 16.79
N SER A 167 22.02 -22.62 15.91
CA SER A 167 22.82 -21.38 15.86
C SER A 167 22.46 -20.59 17.10
N PHE A 168 23.43 -19.96 17.76
CA PHE A 168 23.12 -19.26 18.99
C PHE A 168 24.15 -18.21 19.34
N LEU A 169 23.82 -17.41 20.35
CA LEU A 169 24.76 -16.41 20.85
C LEU A 169 24.36 -16.07 22.26
N VAL A 170 25.29 -15.47 22.98
CA VAL A 170 25.06 -15.02 24.35
C VAL A 170 25.23 -13.50 24.27
N ARG A 171 24.29 -12.77 24.87
CA ARG A 171 24.32 -11.32 24.83
C ARG A 171 24.12 -10.77 26.21
N GLU A 172 24.45 -9.49 26.37
CA GLU A 172 24.30 -8.80 27.64
C GLU A 172 23.34 -7.62 27.46
N SER A 173 22.65 -7.24 28.53
CA SER A 173 21.76 -6.10 28.49
C SER A 173 22.63 -4.85 28.50
N GLU A 174 22.30 -3.88 27.65
CA GLU A 174 23.07 -2.64 27.59
C GLU A 174 22.71 -1.75 28.77
N SER A 175 21.42 -1.63 29.05
CA SER A 175 20.94 -0.82 30.15
C SER A 175 21.41 -1.36 31.49
N SER A 176 21.06 -2.61 31.79
CA SER A 176 21.45 -3.23 33.05
C SER A 176 22.57 -4.26 32.89
N PRO A 177 23.84 -3.81 32.96
CA PRO A 177 25.01 -4.68 32.83
C PRO A 177 24.95 -5.89 33.76
N GLY A 178 25.56 -6.99 33.33
CA GLY A 178 25.57 -8.20 34.13
C GLY A 178 24.40 -9.12 33.85
N GLN A 179 23.36 -8.60 33.21
CA GLN A 179 22.18 -9.42 32.89
C GLN A 179 22.39 -9.99 31.49
N ARG A 180 22.56 -11.31 31.41
CA ARG A 180 22.80 -11.96 30.14
C ARG A 180 21.71 -12.93 29.72
N SER A 181 21.65 -13.19 28.42
CA SER A 181 20.65 -14.09 27.86
C SER A 181 21.26 -14.90 26.72
N ILE A 182 20.65 -16.04 26.45
CA ILE A 182 21.07 -16.91 25.34
C ILE A 182 19.99 -16.75 24.29
N SER A 183 20.38 -16.58 23.03
CA SER A 183 19.42 -16.51 21.93
C SER A 183 19.74 -17.69 21.05
N LEU A 184 18.72 -18.48 20.74
CA LEU A 184 18.92 -19.73 20.01
C LEU A 184 17.90 -19.95 18.93
N ARG A 185 18.35 -20.38 17.76
CA ARG A 185 17.48 -20.63 16.64
C ARG A 185 17.06 -22.09 16.51
N TYR A 186 15.77 -22.32 16.27
CA TYR A 186 15.29 -23.67 16.07
C TYR A 186 14.03 -23.61 15.22
N GLU A 187 14.06 -24.31 14.10
CA GLU A 187 12.93 -24.36 13.20
C GLU A 187 12.41 -22.98 12.84
N GLY A 188 13.34 -22.14 12.40
CA GLY A 188 13.00 -20.79 11.98
C GLY A 188 12.59 -19.79 13.03
N ARG A 189 12.57 -20.18 14.30
CA ARG A 189 12.20 -19.25 15.37
C ARG A 189 13.38 -19.03 16.28
N VAL A 190 13.43 -17.87 16.94
CA VAL A 190 14.52 -17.60 17.85
C VAL A 190 13.98 -17.63 19.27
N TYR A 191 14.60 -18.45 20.11
CA TYR A 191 14.19 -18.59 21.50
C TYR A 191 15.18 -17.83 22.38
N HIS A 192 14.67 -17.10 23.38
CA HIS A 192 15.52 -16.30 24.25
C HIS A 192 15.40 -16.80 25.67
N TYR A 193 16.55 -17.04 26.30
CA TYR A 193 16.59 -17.53 27.67
C TYR A 193 17.43 -16.64 28.58
N ARG A 194 16.86 -16.24 29.71
CA ARG A 194 17.65 -15.44 30.62
C ARG A 194 18.60 -16.37 31.39
N ILE A 195 19.82 -15.91 31.62
CA ILE A 195 20.79 -16.67 32.39
C ILE A 195 20.66 -16.15 33.82
N ASN A 196 20.27 -17.04 34.73
CA ASN A 196 20.10 -16.72 36.14
C ASN A 196 21.40 -16.89 36.92
N THR A 197 21.50 -16.16 38.03
CA THR A 197 22.68 -16.22 38.88
C THR A 197 22.21 -16.58 40.30
N ALA A 198 22.82 -17.61 40.88
CA ALA A 198 22.46 -18.05 42.23
C ALA A 198 23.11 -17.17 43.29
N SER A 199 22.72 -17.37 44.54
CA SER A 199 23.24 -16.57 45.64
C SER A 199 24.75 -16.69 45.77
N ASP A 200 25.29 -17.83 45.34
CA ASP A 200 26.73 -18.04 45.42
C ASP A 200 27.42 -17.72 44.09
N GLY A 201 26.72 -17.03 43.19
CA GLY A 201 27.31 -16.65 41.91
C GLY A 201 27.22 -17.64 40.75
N LYS A 202 26.82 -18.87 41.02
CA LYS A 202 26.73 -19.85 39.92
C LYS A 202 25.67 -19.44 38.91
N LEU A 203 25.87 -19.81 37.64
CA LEU A 203 24.96 -19.44 36.57
C LEU A 203 24.18 -20.64 36.07
N TYR A 204 22.93 -20.40 35.69
CA TYR A 204 22.12 -21.50 35.19
C TYR A 204 20.94 -21.05 34.37
N VAL A 205 20.45 -21.94 33.51
CA VAL A 205 19.23 -21.68 32.77
C VAL A 205 18.24 -22.58 33.52
N SER A 206 18.64 -23.83 33.76
CA SER A 206 17.83 -24.79 34.52
C SER A 206 18.45 -24.94 35.92
N SER A 207 17.62 -24.74 36.94
CA SER A 207 18.06 -24.81 38.33
C SER A 207 18.85 -26.08 38.69
N GLU A 208 18.53 -27.18 37.99
CA GLU A 208 19.21 -28.44 38.25
C GLU A 208 20.64 -28.50 37.71
N SER A 209 21.01 -27.54 36.87
CA SER A 209 22.37 -27.54 36.28
C SER A 209 23.03 -26.18 36.41
N ARG A 210 23.81 -26.00 37.48
CA ARG A 210 24.48 -24.72 37.72
C ARG A 210 25.97 -24.82 37.54
N PHE A 211 26.57 -23.73 37.05
CA PHE A 211 28.00 -23.71 36.77
C PHE A 211 28.71 -22.48 37.32
N ASN A 212 30.00 -22.63 37.54
CA ASN A 212 30.80 -21.54 38.07
C ASN A 212 31.08 -20.44 37.06
N THR A 213 31.15 -20.78 35.78
CA THR A 213 31.42 -19.76 34.78
C THR A 213 30.45 -19.86 33.60
N LEU A 214 30.38 -18.77 32.85
CA LEU A 214 29.52 -18.70 31.67
C LEU A 214 29.95 -19.76 30.66
N ALA A 215 31.25 -19.84 30.44
CA ALA A 215 31.76 -20.80 29.46
C ALA A 215 31.36 -22.23 29.83
N GLU A 216 31.42 -22.58 31.11
CA GLU A 216 31.01 -23.94 31.49
C GLU A 216 29.52 -24.16 31.22
N LEU A 217 28.71 -23.14 31.45
CA LEU A 217 27.27 -23.27 31.19
C LEU A 217 27.02 -23.51 29.71
N VAL A 218 27.71 -22.74 28.86
CA VAL A 218 27.54 -22.88 27.41
C VAL A 218 28.01 -24.26 26.97
N HIS A 219 29.15 -24.70 27.49
CA HIS A 219 29.69 -26.00 27.13
C HIS A 219 28.74 -27.10 27.51
N HIS A 220 28.08 -26.95 28.64
CA HIS A 220 27.13 -27.97 29.05
C HIS A 220 25.96 -28.04 28.08
N HIS A 221 25.38 -26.88 27.76
CA HIS A 221 24.23 -26.86 26.86
C HIS A 221 24.58 -27.08 25.39
N SER A 222 25.89 -27.14 25.10
CA SER A 222 26.36 -27.43 23.76
C SER A 222 26.27 -28.96 23.55
N THR A 223 26.15 -29.72 24.62
CA THR A 223 26.08 -31.20 24.46
C THR A 223 24.70 -31.80 24.74
N VAL A 224 23.97 -31.23 25.69
CA VAL A 224 22.61 -31.67 25.99
C VAL A 224 21.73 -30.43 26.15
N ALA A 225 20.51 -30.45 25.61
CA ALA A 225 19.61 -29.28 25.66
C ALA A 225 19.29 -28.88 27.10
N ASP A 226 19.00 -29.90 27.91
CA ASP A 226 18.75 -29.75 29.34
C ASP A 226 17.93 -28.52 29.72
N GLY A 227 16.76 -28.39 29.10
CA GLY A 227 15.89 -27.26 29.39
C GLY A 227 15.72 -26.33 28.21
N LEU A 228 16.70 -26.29 27.32
CA LEU A 228 16.61 -25.43 26.13
C LEU A 228 15.85 -26.20 25.03
N ILE A 229 15.31 -25.48 24.05
CA ILE A 229 14.58 -26.15 22.98
C ILE A 229 15.50 -27.14 22.23
N THR A 230 16.78 -26.81 22.14
CA THR A 230 17.74 -27.72 21.48
C THR A 230 19.13 -27.37 21.99
N THR A 231 20.15 -28.04 21.48
CA THR A 231 21.51 -27.79 21.91
C THR A 231 22.11 -26.55 21.24
N LEU A 232 23.12 -25.98 21.89
CA LEU A 232 23.85 -24.80 21.40
C LEU A 232 25.02 -25.35 20.61
N HIS A 233 24.88 -25.38 19.29
CA HIS A 233 25.88 -25.96 18.39
C HIS A 233 26.65 -24.98 17.43
N TYR A 234 26.02 -23.82 16.99
CA TYR A 234 26.65 -22.86 16.00
C TYR A 234 26.68 -21.40 16.43
N PRO A 235 27.81 -20.92 16.95
CA PRO A 235 27.90 -19.52 17.38
C PRO A 235 27.55 -18.57 16.23
N ALA A 236 26.75 -17.54 16.52
CA ALA A 236 26.38 -16.56 15.47
C ALA A 236 27.65 -15.79 15.07
N PRO A 237 27.94 -15.73 13.77
CA PRO A 237 29.14 -15.01 13.33
C PRO A 237 29.11 -13.53 13.65
N LYS A 238 30.29 -13.00 13.96
CA LYS A 238 30.52 -11.57 14.20
C LYS A 238 31.03 -11.18 12.83
N ARG A 239 30.11 -10.74 11.98
CA ARG A 239 30.42 -10.40 10.61
C ARG A 239 30.95 -9.00 10.32
N ASN A 240 30.70 -8.06 11.23
CA ASN A 240 31.12 -6.69 10.97
C ASN A 240 32.30 -6.21 11.80
N LYS A 241 33.33 -5.71 11.13
CA LYS A 241 34.48 -5.19 11.86
C LYS A 241 34.04 -3.89 12.51
N PRO A 242 34.49 -3.60 13.74
CA PRO A 242 34.09 -2.36 14.39
C PRO A 242 34.45 -1.12 13.57
N THR A 243 33.65 -0.06 13.69
CA THR A 243 33.94 1.15 12.93
C THR A 243 35.23 1.77 13.49
N VAL A 244 36.05 2.24 12.62
CA VAL A 244 37.21 3.04 12.98
C VAL A 244 37.00 4.50 12.61
N TYR A 245 37.03 5.40 13.52
CA TYR A 245 36.69 6.78 13.18
C TYR A 245 37.86 7.52 12.56
N GLY A 246 38.16 7.15 11.32
CA GLY A 246 39.28 7.77 10.62
C GLY A 246 40.23 6.68 10.15
N VAL A 247 41.47 7.05 9.85
CA VAL A 247 42.42 6.07 9.36
C VAL A 247 43.74 6.09 10.14
N SER A 248 43.84 7.00 11.10
CA SER A 248 45.09 7.16 11.87
C SER A 248 44.85 7.26 13.36
N PRO A 249 45.83 6.81 14.18
CA PRO A 249 45.69 6.88 15.64
C PRO A 249 46.06 8.27 16.12
N ASN A 250 46.64 9.05 15.24
CA ASN A 250 47.07 10.38 15.64
C ASN A 250 45.94 11.42 15.69
N TYR A 251 46.25 12.54 16.35
CA TYR A 251 45.34 13.65 16.57
C TYR A 251 45.12 14.45 15.30
N ASP A 252 43.91 14.57 14.82
CA ASP A 252 43.71 15.36 13.62
C ASP A 252 44.77 15.15 12.49
N LYS A 253 44.54 14.16 11.66
CA LYS A 253 45.41 13.89 10.52
C LYS A 253 44.49 13.66 9.36
N TRP A 254 43.47 14.59 9.32
CA TRP A 254 42.37 14.67 8.33
C TRP A 254 42.87 15.05 6.97
N GLU A 255 43.72 16.10 6.86
CA GLU A 255 44.25 16.44 5.52
C GLU A 255 44.93 15.25 4.85
N MET A 256 44.72 15.11 3.55
CA MET A 256 45.35 14.02 2.82
C MET A 256 45.77 14.47 1.42
N GLU A 257 46.57 13.66 0.74
CA GLU A 257 47.06 14.03 -0.58
C GLU A 257 46.11 13.63 -1.68
N ARG A 258 45.59 14.64 -2.37
CA ARG A 258 44.69 14.41 -3.48
C ARG A 258 45.25 13.43 -4.52
N THR A 259 46.58 13.35 -4.67
CA THR A 259 47.10 12.42 -5.68
C THR A 259 46.90 10.96 -5.29
N ASP A 260 46.64 10.72 -4.01
CA ASP A 260 46.41 9.34 -3.56
C ASP A 260 44.96 8.92 -3.80
N ILE A 261 44.14 9.79 -4.38
CA ILE A 261 42.73 9.47 -4.65
C ILE A 261 42.43 9.35 -6.14
N THR A 262 41.84 8.22 -6.52
CA THR A 262 41.46 7.97 -7.91
C THR A 262 39.96 8.16 -7.96
N MET A 263 39.49 9.15 -8.70
CA MET A 263 38.06 9.40 -8.80
C MET A 263 37.42 8.50 -9.84
N LYS A 264 36.24 7.99 -9.53
CA LYS A 264 35.54 7.13 -10.46
C LYS A 264 34.20 7.71 -10.86
N HIS A 265 33.18 6.86 -11.02
CA HIS A 265 31.88 7.38 -11.46
C HIS A 265 31.09 8.10 -10.37
N LYS A 266 30.26 9.03 -10.81
CA LYS A 266 29.41 9.80 -9.90
C LYS A 266 28.41 8.83 -9.26
N LEU A 267 28.00 9.15 -8.04
CA LEU A 267 27.04 8.32 -7.32
C LEU A 267 25.66 8.98 -7.20
N GLY A 268 24.63 8.14 -7.29
CA GLY A 268 23.27 8.61 -7.14
C GLY A 268 22.65 9.42 -8.26
N GLY A 269 23.21 9.32 -9.46
CA GLY A 269 22.67 10.07 -10.59
C GLY A 269 22.59 11.56 -10.34
N GLY A 270 23.45 12.08 -9.47
CA GLY A 270 23.43 13.51 -9.21
C GLY A 270 22.55 14.01 -8.10
N GLN A 271 21.72 13.15 -7.49
CA GLN A 271 20.84 13.62 -6.42
C GLN A 271 21.56 14.08 -5.16
N TYR A 272 22.84 13.76 -5.03
CA TYR A 272 23.57 14.16 -3.83
C TYR A 272 24.60 15.21 -4.23
N GLY A 273 24.51 15.68 -5.47
CA GLY A 273 25.49 16.65 -5.93
C GLY A 273 26.72 15.95 -6.49
N GLU A 274 27.85 16.64 -6.37
CA GLU A 274 29.14 16.19 -6.87
C GLU A 274 29.84 15.16 -5.98
N VAL A 275 29.24 13.98 -5.90
CA VAL A 275 29.76 12.89 -5.09
C VAL A 275 30.17 11.72 -5.99
N TYR A 276 31.41 11.29 -5.85
CA TYR A 276 31.95 10.20 -6.66
C TYR A 276 32.53 9.03 -5.87
N GLU A 277 32.45 7.85 -6.45
CA GLU A 277 33.05 6.69 -5.83
C GLU A 277 34.51 6.91 -6.16
N GLY A 278 35.39 6.53 -5.23
CA GLY A 278 36.82 6.68 -5.48
C GLY A 278 37.59 5.60 -4.76
N VAL A 279 38.87 5.49 -5.07
CA VAL A 279 39.71 4.51 -4.41
C VAL A 279 40.84 5.28 -3.75
N TRP A 280 41.12 4.96 -2.49
CA TRP A 280 42.21 5.61 -1.79
C TRP A 280 43.40 4.67 -1.95
N LYS A 281 44.18 4.89 -2.98
CA LYS A 281 45.35 4.10 -3.36
C LYS A 281 46.07 3.56 -2.12
N LYS A 282 46.60 4.44 -1.28
CA LYS A 282 47.34 4.06 -0.08
C LYS A 282 46.81 2.81 0.62
N TYR A 283 45.51 2.55 0.49
CA TYR A 283 44.91 1.37 1.13
C TYR A 283 44.08 0.59 0.13
N SER A 284 44.09 1.01 -1.14
CA SER A 284 43.29 0.36 -2.17
C SER A 284 41.85 0.30 -1.64
N LEU A 285 41.56 1.23 -0.72
CA LEU A 285 40.27 1.38 -0.04
C LEU A 285 39.25 2.15 -0.87
N THR A 286 38.06 1.60 -1.03
CA THR A 286 37.01 2.29 -1.78
C THR A 286 36.40 3.36 -0.88
N VAL A 287 36.18 4.55 -1.43
CA VAL A 287 35.62 5.65 -0.64
C VAL A 287 34.61 6.45 -1.44
N ALA A 288 33.97 7.41 -0.79
CA ALA A 288 33.05 8.31 -1.47
C ALA A 288 33.73 9.67 -1.35
N VAL A 289 33.72 10.45 -2.42
CA VAL A 289 34.37 11.75 -2.39
C VAL A 289 33.45 12.85 -2.91
N LYS A 290 33.28 13.90 -2.11
CA LYS A 290 32.46 15.03 -2.54
C LYS A 290 33.46 16.09 -2.93
N THR A 291 33.34 16.58 -4.15
CA THR A 291 34.28 17.58 -4.64
C THR A 291 33.63 18.93 -4.90
N LEU A 292 34.32 19.99 -4.50
CA LEU A 292 33.81 21.35 -4.69
C LEU A 292 34.20 21.91 -6.04
N LYS A 293 33.49 21.50 -7.07
CA LYS A 293 33.77 21.98 -8.41
C LYS A 293 33.26 23.41 -8.49
N GLU A 294 33.90 24.24 -9.32
CA GLU A 294 33.48 25.62 -9.45
C GLU A 294 32.03 25.73 -9.87
N ASP A 295 31.37 26.79 -9.40
CA ASP A 295 29.99 27.04 -9.71
C ASP A 295 29.03 25.92 -9.33
N THR A 296 29.17 25.42 -8.11
CA THR A 296 28.27 24.38 -7.60
C THR A 296 27.87 24.81 -6.19
N MET A 297 28.43 24.16 -5.18
CA MET A 297 28.11 24.47 -3.81
C MET A 297 28.90 25.72 -3.34
N GLU A 298 28.36 26.50 -2.41
CA GLU A 298 29.16 27.65 -1.93
C GLU A 298 30.25 27.15 -1.00
N VAL A 299 31.41 27.74 -1.15
CA VAL A 299 32.58 27.39 -0.37
C VAL A 299 32.35 27.34 1.16
N GLU A 300 31.82 28.41 1.74
CA GLU A 300 31.58 28.43 3.18
C GLU A 300 30.74 27.24 3.61
N GLU A 301 29.77 26.89 2.76
CA GLU A 301 28.88 25.78 3.03
C GLU A 301 29.63 24.46 3.00
N PHE A 302 30.48 24.30 2.00
CA PHE A 302 31.27 23.10 1.82
C PHE A 302 32.18 22.90 3.02
N LEU A 303 32.89 23.96 3.41
CA LEU A 303 33.81 23.89 4.54
C LEU A 303 33.12 23.64 5.87
N LYS A 304 31.94 24.21 6.06
CA LYS A 304 31.21 23.98 7.29
C LYS A 304 30.83 22.51 7.36
N GLU A 305 30.50 21.94 6.20
CA GLU A 305 30.12 20.53 6.19
C GLU A 305 31.32 19.69 6.62
N ALA A 306 32.49 20.01 6.09
CA ALA A 306 33.71 19.29 6.44
C ALA A 306 33.97 19.44 7.95
N ALA A 307 33.82 20.66 8.45
CA ALA A 307 34.02 20.95 9.87
C ALA A 307 33.10 20.11 10.76
N VAL A 308 31.81 20.12 10.44
CA VAL A 308 30.83 19.35 11.21
C VAL A 308 31.17 17.87 11.20
N MET A 309 31.49 17.35 10.02
CA MET A 309 31.78 15.95 9.93
C MET A 309 32.98 15.48 10.72
N LYS A 310 33.90 16.38 11.02
CA LYS A 310 35.06 15.99 11.82
C LYS A 310 34.60 15.67 13.24
N GLU A 311 33.52 16.30 13.68
CA GLU A 311 33.01 16.08 15.03
C GLU A 311 32.04 14.92 15.21
N ILE A 312 31.45 14.47 14.11
CA ILE A 312 30.47 13.38 14.20
C ILE A 312 31.15 12.02 14.31
N LYS A 313 30.80 11.28 15.36
CA LYS A 313 31.35 9.95 15.59
C LYS A 313 30.26 9.01 16.11
N HIS A 314 29.63 8.27 15.20
CA HIS A 314 28.57 7.34 15.59
C HIS A 314 28.54 6.24 14.54
N PRO A 315 28.28 4.98 14.96
CA PRO A 315 28.25 3.87 14.02
C PRO A 315 27.25 3.98 12.87
N ASN A 316 26.22 4.79 13.08
CA ASN A 316 25.17 4.94 12.07
C ASN A 316 25.09 6.31 11.37
N LEU A 317 26.20 7.04 11.36
CA LEU A 317 26.30 8.31 10.63
C LEU A 317 27.52 8.14 9.72
N VAL A 318 27.38 8.41 8.43
CA VAL A 318 28.48 8.26 7.49
C VAL A 318 29.73 8.91 8.06
N GLN A 319 30.81 8.12 8.12
CA GLN A 319 32.05 8.58 8.72
C GLN A 319 33.07 9.27 7.82
N LEU A 320 33.58 10.42 8.25
CA LEU A 320 34.60 11.14 7.51
C LEU A 320 35.92 10.38 7.62
N LEU A 321 36.68 10.35 6.54
CA LEU A 321 38.00 9.69 6.56
C LEU A 321 39.12 10.71 6.29
N GLY A 322 38.80 11.78 5.58
CA GLY A 322 39.81 12.78 5.29
C GLY A 322 39.28 13.94 4.48
N VAL A 323 40.10 14.97 4.34
CA VAL A 323 39.73 16.13 3.54
C VAL A 323 40.94 16.62 2.76
N CYS A 324 40.68 17.37 1.70
CA CYS A 324 41.72 17.97 0.86
C CYS A 324 41.27 19.41 0.77
N THR A 325 41.80 20.26 1.65
CA THR A 325 41.42 21.67 1.65
C THR A 325 42.61 22.61 1.41
N ARG A 326 43.75 22.06 1.01
CA ARG A 326 44.94 22.87 0.76
C ARG A 326 44.79 23.70 -0.50
N GLU A 327 44.04 23.17 -1.46
CA GLU A 327 43.84 23.85 -2.74
C GLU A 327 42.69 23.21 -3.51
N PRO A 328 42.02 24.00 -4.37
CA PRO A 328 40.90 23.49 -5.18
C PRO A 328 41.35 22.38 -6.10
N PRO A 329 40.45 21.43 -6.40
CA PRO A 329 39.07 21.34 -5.91
C PRO A 329 39.09 20.73 -4.51
N PHE A 330 38.35 21.33 -3.59
CA PHE A 330 38.32 20.81 -2.22
C PHE A 330 37.61 19.45 -2.22
N TYR A 331 38.09 18.52 -1.41
CA TYR A 331 37.49 17.18 -1.30
C TYR A 331 37.06 16.88 0.13
N ILE A 332 35.97 16.11 0.25
CA ILE A 332 35.52 15.61 1.56
C ILE A 332 35.45 14.11 1.24
N ILE A 333 36.21 13.28 1.96
CA ILE A 333 36.28 11.86 1.70
C ILE A 333 35.68 11.03 2.84
N THR A 334 34.72 10.16 2.52
CA THR A 334 34.10 9.35 3.56
C THR A 334 34.13 7.88 3.21
N GLU A 335 33.68 7.07 4.16
CA GLU A 335 33.59 5.65 3.93
C GLU A 335 32.58 5.51 2.81
N PHE A 336 32.64 4.39 2.11
CA PHE A 336 31.72 4.10 1.01
C PHE A 336 30.67 3.10 1.47
N MET A 337 29.40 3.41 1.26
CA MET A 337 28.31 2.49 1.61
C MET A 337 28.01 1.77 0.30
N THR A 338 28.32 0.48 0.28
CA THR A 338 28.18 -0.31 -0.94
C THR A 338 26.84 -0.48 -1.63
N TYR A 339 25.75 -0.55 -0.88
CA TYR A 339 24.45 -0.80 -1.50
C TYR A 339 23.55 0.38 -1.86
N GLY A 340 24.08 1.57 -1.68
CA GLY A 340 23.26 2.70 -2.06
C GLY A 340 22.27 3.15 -1.00
N ASN A 341 21.25 3.90 -1.40
CA ASN A 341 20.31 4.40 -0.40
C ASN A 341 19.22 3.41 -0.03
N LEU A 342 18.68 3.59 1.17
CA LEU A 342 17.67 2.70 1.72
C LEU A 342 16.40 2.61 0.91
N LEU A 343 15.98 3.72 0.30
CA LEU A 343 14.75 3.74 -0.49
C LEU A 343 14.84 2.75 -1.65
N ASP A 344 15.88 2.90 -2.46
CA ASP A 344 16.09 1.99 -3.59
C ASP A 344 16.29 0.57 -3.09
N TYR A 345 17.05 0.42 -2.01
CA TYR A 345 17.29 -0.92 -1.47
C TYR A 345 15.99 -1.63 -1.13
N LEU A 346 15.10 -0.94 -0.41
CA LEU A 346 13.82 -1.55 -0.03
C LEU A 346 12.94 -1.86 -1.23
N ARG A 347 12.96 -0.99 -2.23
CA ARG A 347 12.13 -1.20 -3.40
C ARG A 347 12.57 -2.36 -4.26
N GLU A 348 13.87 -2.65 -4.23
CA GLU A 348 14.42 -3.70 -5.07
C GLU A 348 14.83 -4.96 -4.32
N CYS A 349 14.59 -5.01 -3.02
CA CYS A 349 15.03 -6.18 -2.26
C CYS A 349 14.14 -7.40 -2.34
N ASN A 350 14.70 -8.52 -1.89
CA ASN A 350 14.00 -9.79 -1.81
C ASN A 350 13.33 -9.72 -0.45
N ARG A 351 12.01 -9.57 -0.43
CA ARG A 351 11.28 -9.44 0.80
C ARG A 351 11.30 -10.67 1.72
N GLN A 352 11.84 -11.77 1.22
CA GLN A 352 11.97 -13.01 2.01
C GLN A 352 13.19 -12.86 2.89
N GLU A 353 14.26 -12.32 2.30
CA GLU A 353 15.50 -12.09 3.01
C GLU A 353 15.35 -10.88 3.92
N VAL A 354 14.77 -9.83 3.41
CA VAL A 354 14.57 -8.60 4.19
C VAL A 354 13.19 -8.64 4.80
N ASN A 355 13.05 -9.45 5.84
CA ASN A 355 11.78 -9.63 6.53
C ASN A 355 11.59 -8.57 7.60
N ALA A 356 10.49 -8.67 8.34
CA ALA A 356 10.21 -7.69 9.39
C ALA A 356 11.32 -7.52 10.42
N VAL A 357 12.02 -8.59 10.78
CA VAL A 357 13.09 -8.44 11.75
C VAL A 357 14.23 -7.61 11.18
N VAL A 358 14.43 -7.67 9.87
CA VAL A 358 15.48 -6.88 9.21
C VAL A 358 15.03 -5.41 9.14
N LEU A 359 13.76 -5.19 8.84
CA LEU A 359 13.26 -3.80 8.79
C LEU A 359 13.38 -3.17 10.18
N LEU A 360 13.08 -3.93 11.22
CA LEU A 360 13.19 -3.41 12.59
C LEU A 360 14.64 -3.08 12.89
N TYR A 361 15.55 -3.94 12.46
CA TYR A 361 16.99 -3.72 12.67
C TYR A 361 17.44 -2.41 12.02
N MET A 362 16.96 -2.15 10.81
CA MET A 362 17.35 -0.93 10.12
C MET A 362 16.73 0.31 10.77
N ALA A 363 15.45 0.24 11.12
CA ALA A 363 14.81 1.39 11.76
C ALA A 363 15.50 1.72 13.09
N THR A 364 15.92 0.68 13.81
CA THR A 364 16.55 0.92 15.10
C THR A 364 17.89 1.63 14.93
N GLN A 365 18.64 1.23 13.92
CA GLN A 365 19.93 1.86 13.66
C GLN A 365 19.73 3.34 13.35
N ILE A 366 18.73 3.65 12.53
CA ILE A 366 18.46 5.05 12.20
C ILE A 366 18.08 5.84 13.45
N SER A 367 17.26 5.25 14.32
CA SER A 367 16.90 5.98 15.52
C SER A 367 18.10 6.20 16.42
N SER A 368 19.07 5.27 16.40
CA SER A 368 20.26 5.43 17.24
C SER A 368 21.08 6.65 16.74
N ALA A 369 21.23 6.76 15.42
CA ALA A 369 21.95 7.89 14.84
C ALA A 369 21.24 9.19 15.21
N MET A 370 19.91 9.20 15.14
CA MET A 370 19.20 10.45 15.47
C MET A 370 19.27 10.79 16.95
N GLU A 371 19.34 9.78 17.82
CA GLU A 371 19.44 9.99 19.25
C GLU A 371 20.79 10.67 19.50
N TYR A 372 21.80 10.27 18.72
CA TYR A 372 23.12 10.88 18.88
C TYR A 372 23.09 12.35 18.46
N LEU A 373 22.49 12.65 17.31
CA LEU A 373 22.41 14.04 16.85
C LEU A 373 21.62 14.88 17.87
N GLU A 374 20.59 14.28 18.44
CA GLU A 374 19.77 14.95 19.44
C GLU A 374 20.61 15.33 20.65
N LYS A 375 21.44 14.40 21.13
CA LYS A 375 22.24 14.67 22.29
C LYS A 375 23.41 15.60 22.01
N LYS A 376 23.86 15.64 20.76
CA LYS A 376 25.00 16.48 20.38
C LYS A 376 24.59 17.83 19.84
N ASN A 377 23.31 18.16 19.94
CA ASN A 377 22.78 19.45 19.49
C ASN A 377 22.91 19.75 18.02
N PHE A 378 22.47 18.80 17.20
CA PHE A 378 22.43 18.97 15.75
C PHE A 378 21.01 18.67 15.30
N ILE A 379 20.64 19.21 14.14
CA ILE A 379 19.35 18.88 13.53
C ILE A 379 19.73 18.50 12.10
N HIS A 380 18.92 17.63 11.48
CA HIS A 380 19.20 17.11 10.14
C HIS A 380 18.45 17.84 9.01
N ARG A 381 17.13 17.92 9.16
CA ARG A 381 16.22 18.58 8.24
C ARG A 381 15.94 17.88 6.92
N ASN A 382 16.63 16.78 6.64
CA ASN A 382 16.39 16.07 5.39
C ASN A 382 16.30 14.56 5.66
N LEU A 383 15.75 14.18 6.80
CA LEU A 383 15.63 12.77 7.11
C LEU A 383 14.57 12.12 6.21
N ALA A 384 14.97 11.07 5.50
CA ALA A 384 14.09 10.35 4.59
C ALA A 384 14.86 9.10 4.16
N ALA A 385 14.17 8.07 3.68
CA ALA A 385 14.87 6.85 3.30
C ALA A 385 15.92 7.08 2.21
N ARG A 386 15.67 8.05 1.32
CA ARG A 386 16.64 8.31 0.25
C ARG A 386 17.94 8.88 0.80
N ASN A 387 17.91 9.33 2.06
CA ASN A 387 19.11 9.89 2.70
C ASN A 387 19.71 9.00 3.77
N CYS A 388 19.35 7.72 3.74
CA CYS A 388 19.93 6.70 4.63
C CYS A 388 20.67 5.80 3.64
N LEU A 389 21.88 5.37 3.99
CA LEU A 389 22.69 4.53 3.09
C LEU A 389 22.88 3.16 3.70
N VAL A 390 22.93 2.14 2.84
CA VAL A 390 23.03 0.75 3.25
C VAL A 390 24.40 0.13 2.96
N GLY A 391 24.91 -0.58 3.95
CA GLY A 391 26.19 -1.24 3.81
C GLY A 391 26.00 -2.74 3.87
N GLU A 392 27.07 -3.45 4.22
CA GLU A 392 27.01 -4.90 4.31
C GLU A 392 26.20 -5.34 5.54
N ASN A 393 25.60 -6.52 5.45
CA ASN A 393 24.85 -7.06 6.58
C ASN A 393 23.80 -6.10 7.15
N HIS A 394 23.11 -5.40 6.26
CA HIS A 394 22.05 -4.47 6.61
C HIS A 394 22.44 -3.36 7.57
N LEU A 395 23.71 -2.98 7.52
CA LEU A 395 24.15 -1.86 8.33
C LEU A 395 23.56 -0.65 7.62
N VAL A 396 23.02 0.29 8.39
CA VAL A 396 22.45 1.49 7.80
C VAL A 396 23.07 2.72 8.47
N LYS A 397 23.42 3.70 7.66
CA LYS A 397 23.99 4.93 8.20
C LYS A 397 23.24 6.11 7.62
N VAL A 398 22.95 7.09 8.47
CA VAL A 398 22.25 8.29 8.04
C VAL A 398 23.26 9.22 7.41
N ALA A 399 22.91 9.76 6.25
CA ALA A 399 23.77 10.70 5.54
C ALA A 399 23.86 11.93 6.44
N ASP A 400 25.06 12.45 6.64
CA ASP A 400 25.18 13.59 7.53
C ASP A 400 25.66 14.87 6.88
N PHE A 401 25.28 15.07 5.61
CA PHE A 401 25.60 16.30 4.92
C PHE A 401 24.47 17.24 5.38
N GLY A 402 24.68 18.54 5.27
CA GLY A 402 23.65 19.48 5.63
C GLY A 402 23.23 19.63 7.07
N LEU A 403 23.92 18.99 8.01
CA LEU A 403 23.53 19.14 9.41
C LEU A 403 23.69 20.60 9.89
N SER A 404 22.87 20.99 10.86
CA SER A 404 22.95 22.34 11.40
C SER A 404 23.11 22.22 12.90
N ARG A 405 23.84 23.15 13.49
CA ARG A 405 24.05 23.14 14.92
C ARG A 405 22.87 23.89 15.53
N LEU A 406 22.25 23.30 16.54
CA LEU A 406 21.10 23.91 17.19
C LEU A 406 20.98 23.33 18.59
N MET A 407 21.05 24.17 19.62
CA MET A 407 20.92 23.65 20.98
C MET A 407 19.59 22.93 21.04
N THR A 408 19.63 21.65 21.39
CA THR A 408 18.45 20.81 21.47
C THR A 408 17.43 21.45 22.38
N GLY A 409 16.37 21.95 21.77
CA GLY A 409 15.30 22.65 22.50
C GLY A 409 15.03 23.99 21.84
N ASP A 410 16.00 24.49 21.07
CA ASP A 410 15.85 25.76 20.37
C ASP A 410 15.25 25.52 18.99
N THR A 411 14.93 26.60 18.29
CA THR A 411 14.34 26.50 16.95
C THR A 411 15.17 27.20 15.88
N TYR A 412 15.24 26.58 14.72
CA TYR A 412 15.98 27.11 13.59
C TYR A 412 14.93 27.57 12.59
N THR A 413 15.07 28.79 12.07
CA THR A 413 14.11 29.30 11.10
C THR A 413 14.76 29.38 9.74
N ALA A 414 14.12 28.82 8.73
CA ALA A 414 14.68 28.89 7.37
C ALA A 414 14.17 30.18 6.75
N HIS A 415 14.98 30.82 5.91
CA HIS A 415 14.58 32.07 5.27
C HIS A 415 13.38 31.78 4.37
N ALA A 416 12.39 32.66 4.39
CA ALA A 416 11.20 32.48 3.57
C ALA A 416 11.60 32.17 2.13
N GLY A 417 10.82 31.31 1.47
CA GLY A 417 11.13 30.95 0.11
C GLY A 417 11.76 29.57 0.02
N ALA A 418 12.34 29.11 1.13
CA ALA A 418 12.97 27.80 1.16
C ALA A 418 11.95 26.77 0.70
N LYS A 419 12.38 25.86 -0.16
CA LYS A 419 11.50 24.82 -0.67
C LYS A 419 11.80 23.52 0.07
N PHE A 420 10.77 22.89 0.64
CA PHE A 420 10.98 21.65 1.37
C PHE A 420 10.27 20.46 0.76
N PRO A 421 10.70 19.25 1.12
CA PRO A 421 10.07 18.02 0.62
C PRO A 421 8.84 17.89 1.53
N ILE A 422 7.73 18.45 1.03
CA ILE A 422 6.46 18.51 1.73
C ILE A 422 6.04 17.27 2.49
N LYS A 423 6.12 16.10 1.85
CA LYS A 423 5.64 14.89 2.53
C LYS A 423 6.41 14.48 3.78
N TRP A 424 7.62 14.98 3.95
CA TRP A 424 8.44 14.64 5.12
C TRP A 424 8.56 15.83 6.06
N THR A 425 7.88 16.92 5.77
CA THR A 425 8.00 18.13 6.54
C THR A 425 6.92 18.32 7.60
N ALA A 426 7.34 18.62 8.82
CA ALA A 426 6.43 18.84 9.93
C ALA A 426 5.55 20.08 9.69
N PRO A 427 4.35 20.10 10.29
CA PRO A 427 3.44 21.25 10.12
C PRO A 427 4.03 22.62 10.47
N GLU A 428 4.76 22.73 11.58
CA GLU A 428 5.33 24.02 11.95
C GLU A 428 6.40 24.48 10.95
N SER A 429 7.00 23.54 10.24
CA SER A 429 8.01 23.87 9.24
C SER A 429 7.30 24.39 8.00
N LEU A 430 6.23 23.71 7.60
CA LEU A 430 5.45 24.12 6.43
C LEU A 430 4.85 25.52 6.59
N ALA A 431 4.30 25.78 7.77
CA ALA A 431 3.63 27.04 8.06
C ALA A 431 4.53 28.18 8.48
N TYR A 432 5.54 27.89 9.30
CA TYR A 432 6.40 28.94 9.80
C TYR A 432 7.87 28.83 9.49
N ASN A 433 8.25 27.79 8.75
CA ASN A 433 9.65 27.58 8.41
C ASN A 433 10.48 27.31 9.67
N LYS A 434 9.83 26.83 10.72
CA LYS A 434 10.54 26.52 11.96
C LYS A 434 10.96 25.06 12.00
N PHE A 435 12.23 24.82 12.35
CA PHE A 435 12.74 23.47 12.44
C PHE A 435 13.38 23.24 13.80
N SER A 436 13.29 22.01 14.29
CA SER A 436 13.90 21.65 15.57
C SER A 436 14.12 20.15 15.52
N ILE A 437 14.69 19.58 16.59
CA ILE A 437 14.90 18.13 16.59
C ILE A 437 13.51 17.46 16.50
N LYS A 438 12.47 18.19 16.92
CA LYS A 438 11.10 17.66 16.87
C LYS A 438 10.57 17.60 15.44
N SER A 439 11.04 18.46 14.55
CA SER A 439 10.57 18.34 13.18
C SER A 439 11.31 17.13 12.57
N ASP A 440 12.50 16.83 13.07
CA ASP A 440 13.20 15.63 12.59
C ASP A 440 12.41 14.39 13.10
N VAL A 441 11.83 14.47 14.30
CA VAL A 441 11.04 13.34 14.81
C VAL A 441 9.86 13.09 13.86
N TRP A 442 9.23 14.16 13.41
CA TRP A 442 8.11 13.99 12.49
C TRP A 442 8.59 13.28 11.22
N ALA A 443 9.71 13.74 10.66
CA ALA A 443 10.25 13.13 9.45
C ALA A 443 10.57 11.66 9.72
N PHE A 444 11.07 11.37 10.92
CA PHE A 444 11.40 9.97 11.23
C PHE A 444 10.14 9.11 11.13
N GLY A 445 9.01 9.68 11.53
CA GLY A 445 7.76 8.93 11.43
C GLY A 445 7.45 8.60 9.99
N VAL A 446 7.68 9.54 9.07
CA VAL A 446 7.41 9.29 7.67
C VAL A 446 8.43 8.24 7.16
N LEU A 447 9.66 8.36 7.62
CA LEU A 447 10.70 7.40 7.22
C LEU A 447 10.30 5.99 7.69
N LEU A 448 9.76 5.89 8.91
CA LEU A 448 9.32 4.60 9.45
C LEU A 448 8.22 4.01 8.55
N TRP A 449 7.33 4.86 8.06
CA TRP A 449 6.26 4.40 7.17
C TRP A 449 6.88 3.93 5.85
N GLU A 450 7.92 4.64 5.36
CA GLU A 450 8.59 4.20 4.12
C GLU A 450 9.22 2.83 4.35
N ILE A 451 9.80 2.62 5.52
CA ILE A 451 10.41 1.33 5.80
C ILE A 451 9.36 0.22 5.85
N ALA A 452 8.27 0.47 6.57
CA ALA A 452 7.20 -0.51 6.73
C ALA A 452 6.45 -0.84 5.46
N THR A 453 6.57 0.00 4.44
CA THR A 453 5.90 -0.25 3.17
C THR A 453 6.88 -0.69 2.08
N TYR A 454 8.14 -0.95 2.47
CA TYR A 454 9.19 -1.33 1.51
C TYR A 454 9.38 -0.24 0.46
N GLY A 455 9.35 1.01 0.91
CA GLY A 455 9.60 2.14 0.04
C GLY A 455 8.47 2.76 -0.76
N MET A 456 7.23 2.68 -0.28
CA MET A 456 6.15 3.32 -1.02
C MET A 456 6.24 4.84 -0.88
N SER A 457 5.71 5.55 -1.87
CA SER A 457 5.70 7.02 -1.82
C SER A 457 4.67 7.41 -0.75
N PRO A 458 5.00 8.34 0.15
CA PRO A 458 4.04 8.73 1.18
C PRO A 458 2.79 9.43 0.64
N TYR A 459 1.66 9.27 1.45
CA TYR A 459 0.34 9.80 1.18
C TYR A 459 -0.14 9.39 -0.28
N PRO A 460 -0.54 8.13 -0.68
CA PRO A 460 -0.68 7.90 -2.12
C PRO A 460 -1.73 8.81 -2.76
N GLY A 461 -1.42 9.48 -3.86
CA GLY A 461 -2.46 10.20 -4.60
C GLY A 461 -3.11 11.42 -3.90
N ILE A 462 -2.63 11.82 -2.72
CA ILE A 462 -3.19 12.98 -1.99
C ILE A 462 -2.58 14.22 -2.59
N ASP A 463 -3.34 15.24 -2.78
CA ASP A 463 -2.63 16.26 -3.53
C ASP A 463 -1.64 17.01 -2.71
N LEU A 464 -0.55 17.40 -3.38
CA LEU A 464 0.48 18.03 -2.56
C LEU A 464 0.15 19.50 -2.28
N SER A 465 -1.15 19.78 -2.37
CA SER A 465 -1.72 21.09 -2.06
C SER A 465 -2.62 21.04 -0.83
N GLN A 466 -3.19 19.88 -0.53
CA GLN A 466 -4.08 19.76 0.62
C GLN A 466 -3.44 19.10 1.86
N VAL A 467 -2.18 18.72 1.79
CA VAL A 467 -1.54 18.04 2.92
C VAL A 467 -1.62 18.77 4.26
N TYR A 468 -1.23 20.04 4.31
CA TYR A 468 -1.28 20.76 5.57
C TYR A 468 -2.69 20.82 6.13
N GLU A 469 -3.64 21.15 5.26
CA GLU A 469 -5.04 21.23 5.68
C GLU A 469 -5.53 19.91 6.27
N LEU A 470 -5.21 18.80 5.60
CA LEU A 470 -5.60 17.47 6.08
C LEU A 470 -4.95 17.15 7.43
N LEU A 471 -3.65 17.41 7.53
CA LEU A 471 -2.94 17.15 8.77
C LEU A 471 -3.56 17.97 9.91
N GLU A 472 -3.96 19.20 9.62
CA GLU A 472 -4.53 20.05 10.63
C GLU A 472 -5.85 19.47 11.15
N LYS A 473 -6.53 18.70 10.31
CA LYS A 473 -7.80 18.05 10.67
C LYS A 473 -7.57 16.65 11.27
N ASP A 474 -6.33 16.38 11.64
CA ASP A 474 -5.89 15.10 12.25
C ASP A 474 -5.83 13.90 11.32
N TYR A 475 -5.79 14.14 10.02
CA TYR A 475 -5.65 13.04 9.10
C TYR A 475 -4.17 12.63 9.18
N ARG A 476 -3.89 11.33 9.11
CA ARG A 476 -2.51 10.82 9.10
C ARG A 476 -2.54 9.58 8.21
N MET A 477 -1.39 9.18 7.65
CA MET A 477 -1.40 8.00 6.81
C MET A 477 -1.92 6.79 7.58
N GLU A 478 -2.53 5.87 6.85
CA GLU A 478 -3.09 4.66 7.44
C GLU A 478 -1.99 3.64 7.74
N ARG A 479 -2.27 2.74 8.66
CA ARG A 479 -1.28 1.73 9.02
C ARG A 479 -0.95 0.85 7.79
N PRO A 480 0.36 0.68 7.50
CA PRO A 480 0.74 -0.15 6.35
C PRO A 480 0.29 -1.61 6.52
N GLU A 481 0.04 -2.27 5.40
CA GLU A 481 -0.38 -3.67 5.42
C GLU A 481 0.63 -4.51 6.21
N GLY A 482 0.13 -5.22 7.22
CA GLY A 482 0.99 -6.07 8.02
C GLY A 482 1.79 -5.39 9.11
N CYS A 483 1.76 -4.06 9.16
CA CYS A 483 2.53 -3.34 10.17
C CYS A 483 2.01 -3.60 11.58
N PRO A 484 2.90 -4.01 12.50
CA PRO A 484 2.38 -4.24 13.85
C PRO A 484 1.82 -2.97 14.51
N GLU A 485 0.77 -3.15 15.32
CA GLU A 485 0.12 -2.04 16.00
C GLU A 485 1.07 -1.11 16.75
N LYS A 486 1.99 -1.68 17.53
CA LYS A 486 2.93 -0.85 18.29
C LYS A 486 3.84 0.01 17.41
N VAL A 487 4.15 -0.48 16.22
CA VAL A 487 5.02 0.28 15.32
C VAL A 487 4.21 1.46 14.79
N TYR A 488 2.95 1.22 14.43
CA TYR A 488 2.09 2.29 13.91
C TYR A 488 1.84 3.33 15.02
N GLU A 489 1.68 2.90 16.27
CA GLU A 489 1.47 3.86 17.35
C GLU A 489 2.69 4.75 17.48
N LEU A 490 3.87 4.20 17.26
CA LEU A 490 5.09 5.00 17.32
C LEU A 490 5.04 6.05 16.20
N MET A 491 4.60 5.64 15.01
CA MET A 491 4.46 6.57 13.88
C MET A 491 3.53 7.70 14.29
N ARG A 492 2.40 7.33 14.90
CA ARG A 492 1.43 8.35 15.33
C ARG A 492 1.97 9.27 16.41
N ALA A 493 2.86 8.77 17.26
CA ALA A 493 3.45 9.60 18.31
C ALA A 493 4.36 10.62 17.64
N CYS A 494 5.08 10.16 16.61
CA CYS A 494 5.98 11.04 15.89
C CYS A 494 5.20 12.16 15.15
N TRP A 495 3.99 11.85 14.75
CA TRP A 495 3.14 12.81 14.03
C TRP A 495 2.18 13.61 14.92
N GLN A 496 2.50 13.78 16.20
CA GLN A 496 1.62 14.63 17.00
C GLN A 496 1.73 16.07 16.43
N TRP A 497 0.61 16.78 16.39
CA TRP A 497 0.59 18.14 15.83
C TRP A 497 1.57 19.08 16.54
N ASN A 498 1.50 19.13 17.86
CA ASN A 498 2.37 20.01 18.63
C ASN A 498 3.73 19.35 18.79
N PRO A 499 4.79 20.03 18.36
CA PRO A 499 6.12 19.42 18.49
C PRO A 499 6.49 18.97 19.90
N SER A 500 6.05 19.67 20.93
CA SER A 500 6.39 19.25 22.28
C SER A 500 5.67 17.95 22.69
N ASP A 501 4.66 17.54 21.92
CA ASP A 501 3.93 16.32 22.23
C ASP A 501 4.59 15.08 21.60
N ARG A 502 5.58 15.30 20.73
CA ARG A 502 6.27 14.19 20.06
C ARG A 502 7.37 13.61 20.96
N PRO A 503 7.64 12.29 20.85
CA PRO A 503 8.70 11.70 21.68
C PRO A 503 10.08 12.15 21.23
N SER A 504 11.09 12.00 22.10
CA SER A 504 12.47 12.35 21.75
C SER A 504 13.05 11.13 21.03
N PHE A 505 14.19 11.29 20.38
CA PHE A 505 14.77 10.14 19.71
C PHE A 505 15.28 9.13 20.74
N ALA A 506 15.68 9.61 21.91
CA ALA A 506 16.10 8.68 22.97
C ALA A 506 14.90 7.77 23.29
N GLU A 507 13.71 8.35 23.39
CA GLU A 507 12.50 7.56 23.70
C GLU A 507 12.11 6.63 22.57
N ILE A 508 12.30 7.09 21.35
CA ILE A 508 12.02 6.28 20.20
C ILE A 508 12.94 5.07 20.13
N HIS A 509 14.24 5.29 20.31
CA HIS A 509 15.17 4.18 20.24
C HIS A 509 14.83 3.16 21.32
N GLN A 510 14.63 3.64 22.54
CA GLN A 510 14.29 2.74 23.64
C GLN A 510 12.98 1.98 23.37
N ALA A 511 12.02 2.63 22.71
CA ALA A 511 10.75 1.99 22.39
C ALA A 511 10.95 0.80 21.44
N PHE A 512 11.81 0.97 20.45
CA PHE A 512 12.06 -0.15 19.53
C PHE A 512 12.66 -1.34 20.30
N GLU A 513 13.62 -1.05 21.14
CA GLU A 513 14.31 -2.12 21.87
C GLU A 513 13.41 -2.92 22.82
N THR A 514 12.34 -2.30 23.30
CA THR A 514 11.45 -2.97 24.24
C THR A 514 10.10 -3.31 23.62
N MET A 515 10.01 -3.26 22.29
CA MET A 515 8.74 -3.49 21.62
C MET A 515 8.16 -4.90 21.46
N PHE A 516 9.01 -5.90 21.30
CA PHE A 516 8.51 -7.27 21.12
C PHE A 516 9.13 -8.21 22.15
N GLN A 517 8.71 -8.01 23.44
CA GLN A 517 9.26 -8.83 24.51
C GLN A 517 8.50 -10.11 24.82
N GLU A 518 7.23 -10.20 24.42
CA GLU A 518 6.43 -11.40 24.70
C GLU A 518 5.97 -12.16 23.47
N SER A 519 6.67 -11.93 22.37
CA SER A 519 6.42 -12.58 21.09
C SER A 519 7.28 -11.80 20.11
N SER A 520 7.59 -12.41 18.98
CA SER A 520 8.44 -11.77 17.99
C SER A 520 7.70 -10.84 17.04
N ILE A 521 8.45 -10.02 16.33
CA ILE A 521 7.82 -9.14 15.37
C ILE A 521 7.22 -10.05 14.31
N SER A 522 7.89 -11.18 14.07
CA SER A 522 7.42 -12.15 13.09
C SER A 522 6.00 -12.59 13.48
N ASP A 523 5.80 -12.91 14.75
CA ASP A 523 4.50 -13.33 15.25
C ASP A 523 3.45 -12.24 15.12
N GLU A 524 3.83 -11.00 15.42
CA GLU A 524 2.90 -9.89 15.35
C GLU A 524 2.43 -9.61 13.93
N VAL A 525 3.35 -9.69 12.97
CA VAL A 525 3.02 -9.46 11.57
C VAL A 525 1.97 -10.50 11.18
N GLU A 526 2.10 -11.70 11.73
CA GLU A 526 1.15 -12.79 11.47
C GLU A 526 -0.25 -12.41 11.94
N LYS A 527 -0.36 -12.01 13.21
CA LYS A 527 -1.65 -11.62 13.77
C LYS A 527 -2.28 -10.53 12.88
N GLU A 528 -1.48 -9.56 12.45
CA GLU A 528 -1.94 -8.45 11.62
C GLU A 528 -2.47 -8.91 10.27
N LEU A 529 -1.80 -9.90 9.70
CA LEU A 529 -2.21 -10.41 8.40
C LEU A 529 -3.35 -11.42 8.53
N GLY A 530 -3.16 -12.47 9.34
CA GLY A 530 -4.20 -13.45 9.49
C GLY A 530 -5.56 -12.80 9.61
N LYS A 531 -5.58 -11.66 10.31
CA LYS A 531 -6.80 -10.88 10.52
C LYS A 531 -7.33 -10.37 9.18
N SER B 140 -48.91 -37.00 -21.40
CA SER B 140 -48.41 -36.61 -22.72
C SER B 140 -47.23 -35.67 -22.47
N LEU B 141 -46.31 -35.60 -23.42
CA LEU B 141 -45.13 -34.75 -23.27
C LEU B 141 -45.41 -33.26 -23.39
N GLU B 142 -46.50 -32.91 -24.08
CA GLU B 142 -46.85 -31.51 -24.29
C GLU B 142 -47.14 -30.71 -23.03
N LYS B 143 -47.37 -31.40 -21.92
CA LYS B 143 -47.63 -30.70 -20.65
C LYS B 143 -46.38 -29.98 -20.13
N HIS B 144 -45.19 -30.33 -20.62
CA HIS B 144 -43.95 -29.68 -20.16
C HIS B 144 -43.70 -28.37 -20.88
N SER B 145 -43.35 -27.32 -20.14
CA SER B 145 -43.14 -26.03 -20.80
C SER B 145 -42.01 -26.10 -21.82
N TRP B 146 -41.02 -26.95 -21.58
CA TRP B 146 -39.90 -27.03 -22.52
C TRP B 146 -40.15 -27.91 -23.74
N TYR B 147 -41.24 -28.67 -23.73
CA TYR B 147 -41.52 -29.54 -24.88
C TYR B 147 -42.36 -28.81 -25.91
N HIS B 148 -41.75 -28.49 -27.05
CA HIS B 148 -42.45 -27.76 -28.10
C HIS B 148 -42.93 -28.62 -29.27
N GLY B 149 -42.79 -29.93 -29.17
CA GLY B 149 -43.27 -30.81 -30.21
C GLY B 149 -42.66 -30.61 -31.58
N PRO B 150 -43.48 -30.68 -32.64
CA PRO B 150 -43.02 -30.52 -34.01
C PRO B 150 -42.63 -29.09 -34.38
N VAL B 151 -41.38 -28.74 -34.10
CA VAL B 151 -40.84 -27.43 -34.43
C VAL B 151 -39.55 -27.77 -35.13
N SER B 152 -39.25 -27.06 -36.22
CA SER B 152 -38.03 -27.36 -36.97
C SER B 152 -36.80 -26.72 -36.34
N ARG B 153 -35.63 -27.15 -36.81
CA ARG B 153 -34.36 -26.62 -36.35
C ARG B 153 -34.37 -25.11 -36.52
N ASN B 154 -34.76 -24.62 -37.70
CA ASN B 154 -34.78 -23.17 -37.91
C ASN B 154 -35.81 -22.44 -37.04
N ALA B 155 -36.98 -23.05 -36.82
CA ALA B 155 -37.99 -22.41 -35.98
C ALA B 155 -37.45 -22.35 -34.54
N ALA B 156 -36.76 -23.41 -34.13
CA ALA B 156 -36.20 -23.44 -32.78
C ALA B 156 -35.20 -22.29 -32.62
N GLU B 157 -34.36 -22.05 -33.63
CA GLU B 157 -33.42 -20.94 -33.53
C GLU B 157 -34.16 -19.60 -33.42
N TYR B 158 -35.32 -19.48 -34.07
CA TYR B 158 -36.10 -18.25 -33.92
C TYR B 158 -36.64 -18.12 -32.51
N LEU B 159 -37.24 -19.17 -31.99
CA LEU B 159 -37.82 -19.12 -30.64
C LEU B 159 -36.74 -18.77 -29.62
N LEU B 160 -35.59 -19.42 -29.95
CA LEU B 160 -34.39 -19.36 -29.15
C LEU B 160 -33.63 -18.06 -29.30
N SER B 161 -33.74 -17.44 -30.49
CA SER B 161 -33.14 -16.14 -30.72
C SER B 161 -33.47 -15.19 -29.52
N SER B 162 -34.55 -15.52 -28.76
CA SER B 162 -35.05 -14.80 -27.58
C SER B 162 -34.87 -15.59 -26.29
N GLY B 163 -33.84 -16.37 -26.23
CA GLY B 163 -33.54 -17.05 -25.03
C GLY B 163 -32.21 -16.45 -24.59
N ILE B 164 -32.03 -16.27 -23.30
CA ILE B 164 -30.74 -15.83 -22.76
C ILE B 164 -29.93 -17.10 -22.65
N ASN B 165 -28.72 -17.02 -22.08
CA ASN B 165 -27.89 -18.21 -21.86
C ASN B 165 -28.72 -19.21 -21.05
N GLY B 166 -28.81 -20.46 -21.50
CA GLY B 166 -29.58 -21.46 -20.76
C GLY B 166 -31.02 -21.61 -21.24
N SER B 167 -31.48 -20.76 -22.16
CA SER B 167 -32.84 -20.89 -22.71
C SER B 167 -32.82 -22.14 -23.59
N PHE B 168 -33.87 -22.95 -23.55
CA PHE B 168 -33.83 -24.17 -24.33
C PHE B 168 -35.22 -24.73 -24.61
N LEU B 169 -35.27 -25.74 -25.48
CA LEU B 169 -36.51 -26.42 -25.76
C LEU B 169 -36.18 -27.78 -26.31
N VAL B 170 -37.17 -28.67 -26.26
CA VAL B 170 -37.03 -30.03 -26.80
C VAL B 170 -38.05 -30.07 -27.94
N ARG B 171 -37.63 -30.59 -29.08
CA ARG B 171 -38.48 -30.65 -30.26
C ARG B 171 -38.44 -32.03 -30.85
N GLU B 172 -39.41 -32.31 -31.71
CA GLU B 172 -39.51 -33.59 -32.39
C GLU B 172 -39.44 -33.36 -33.90
N SER B 173 -38.94 -34.35 -34.63
CA SER B 173 -38.88 -34.27 -36.08
C SER B 173 -40.29 -34.48 -36.60
N GLU B 174 -40.70 -33.66 -37.56
CA GLU B 174 -42.05 -33.79 -38.13
C GLU B 174 -42.10 -34.97 -39.08
N SER B 175 -41.08 -35.08 -39.93
CA SER B 175 -40.99 -36.16 -40.91
C SER B 175 -40.86 -37.51 -40.22
N SER B 176 -39.82 -37.68 -39.41
CA SER B 176 -39.60 -38.94 -38.70
C SER B 176 -39.93 -38.85 -37.21
N PRO B 177 -41.20 -39.12 -36.86
CA PRO B 177 -41.67 -39.10 -35.46
C PRO B 177 -40.78 -39.92 -34.54
N GLY B 178 -40.71 -39.50 -33.27
CA GLY B 178 -39.91 -40.22 -32.30
C GLY B 178 -38.48 -39.72 -32.20
N GLN B 179 -38.04 -38.99 -33.22
CA GLN B 179 -36.67 -38.46 -33.23
C GLN B 179 -36.70 -37.06 -32.60
N ARG B 180 -36.10 -36.92 -31.43
CA ARG B 180 -36.11 -35.65 -30.73
C ARG B 180 -34.74 -35.02 -30.56
N SER B 181 -34.74 -33.71 -30.35
CA SER B 181 -33.49 -32.97 -30.17
C SER B 181 -33.69 -31.87 -29.14
N ILE B 182 -32.58 -31.43 -28.55
CA ILE B 182 -32.60 -30.34 -27.59
C ILE B 182 -31.97 -29.17 -28.30
N SER B 183 -32.56 -27.99 -28.19
CA SER B 183 -32.00 -26.77 -28.79
C SER B 183 -31.70 -25.87 -27.61
N LEU B 184 -30.47 -25.37 -27.54
CA LEU B 184 -30.03 -24.60 -26.39
C LEU B 184 -29.24 -23.37 -26.78
N ARG B 185 -29.54 -22.25 -26.14
CA ARG B 185 -28.84 -21.00 -26.42
C ARG B 185 -27.69 -20.73 -25.46
N TYR B 186 -26.56 -20.30 -26.02
CA TYR B 186 -25.43 -19.96 -25.18
C TYR B 186 -24.57 -18.94 -25.94
N GLU B 187 -24.37 -17.79 -25.32
CA GLU B 187 -23.55 -16.74 -25.92
C GLU B 187 -23.98 -16.41 -27.34
N GLY B 188 -25.28 -16.15 -27.48
CA GLY B 188 -25.84 -15.78 -28.77
C GLY B 188 -25.92 -16.84 -29.85
N ARG B 189 -25.49 -18.06 -29.58
CA ARG B 189 -25.58 -19.13 -30.55
C ARG B 189 -26.52 -20.23 -30.09
N VAL B 190 -27.13 -20.94 -31.01
CA VAL B 190 -28.02 -22.02 -30.63
C VAL B 190 -27.35 -23.35 -30.94
N TYR B 191 -27.26 -24.20 -29.93
CA TYR B 191 -26.66 -25.52 -30.09
C TYR B 191 -27.76 -26.56 -30.17
N HIS B 192 -27.62 -27.53 -31.07
CA HIS B 192 -28.63 -28.56 -31.25
C HIS B 192 -28.03 -29.91 -30.95
N TYR B 193 -28.73 -30.68 -30.11
CA TYR B 193 -28.28 -32.00 -29.70
C TYR B 193 -29.33 -33.07 -29.97
N ARG B 194 -28.93 -34.14 -30.64
CA ARG B 194 -29.89 -35.21 -30.87
C ARG B 194 -30.01 -36.03 -29.58
N ILE B 195 -31.24 -36.45 -29.26
CA ILE B 195 -31.47 -37.29 -28.09
C ILE B 195 -31.45 -38.73 -28.62
N ASN B 196 -30.49 -39.51 -28.13
CA ASN B 196 -30.32 -40.90 -28.53
C ASN B 196 -31.15 -41.83 -27.67
N THR B 197 -31.49 -42.99 -28.22
CA THR B 197 -32.28 -43.99 -27.51
C THR B 197 -31.49 -45.29 -27.52
N ALA B 198 -31.31 -45.90 -26.35
CA ALA B 198 -30.57 -47.15 -26.22
C ALA B 198 -31.44 -48.34 -26.59
N SER B 199 -30.82 -49.51 -26.67
CA SER B 199 -31.53 -50.72 -27.06
C SER B 199 -32.67 -51.04 -26.08
N ASP B 200 -32.52 -50.62 -24.83
CA ASP B 200 -33.54 -50.87 -23.83
C ASP B 200 -34.48 -49.67 -23.67
N GLY B 201 -34.44 -48.73 -24.62
CA GLY B 201 -35.32 -47.58 -24.57
C GLY B 201 -34.85 -46.35 -23.78
N LYS B 202 -33.79 -46.47 -23.00
CA LYS B 202 -33.32 -45.30 -22.23
C LYS B 202 -32.84 -44.20 -23.17
N LEU B 203 -32.98 -42.95 -22.71
CA LEU B 203 -32.62 -41.79 -23.51
C LEU B 203 -31.37 -41.11 -22.98
N TYR B 204 -30.55 -40.59 -23.89
CA TYR B 204 -29.36 -39.91 -23.44
C TYR B 204 -28.78 -38.97 -24.48
N VAL B 205 -28.00 -38.00 -24.01
CA VAL B 205 -27.28 -37.12 -24.90
C VAL B 205 -25.85 -37.67 -24.76
N SER B 206 -25.42 -37.88 -23.51
CA SER B 206 -24.10 -38.45 -23.20
C SER B 206 -24.31 -39.91 -22.77
N SER B 207 -23.61 -40.83 -23.43
CA SER B 207 -23.72 -42.26 -23.14
C SER B 207 -23.56 -42.62 -21.66
N GLU B 208 -22.80 -41.82 -20.93
CA GLU B 208 -22.57 -42.08 -19.52
C GLU B 208 -23.78 -41.73 -18.63
N SER B 209 -24.75 -41.01 -19.17
CA SER B 209 -25.92 -40.62 -18.39
C SER B 209 -27.23 -40.92 -19.13
N ARG B 210 -27.80 -42.09 -18.85
CA ARG B 210 -29.03 -42.52 -19.51
C ARG B 210 -30.21 -42.52 -18.56
N PHE B 211 -31.38 -42.20 -19.10
CA PHE B 211 -32.59 -42.11 -18.28
C PHE B 211 -33.78 -42.81 -18.89
N ASN B 212 -34.71 -43.21 -18.02
CA ASN B 212 -35.91 -43.91 -18.46
C ASN B 212 -36.90 -43.03 -19.19
N THR B 213 -36.96 -41.75 -18.84
CA THR B 213 -37.90 -40.86 -19.50
C THR B 213 -37.25 -39.56 -19.94
N LEU B 214 -37.92 -38.89 -20.85
CA LEU B 214 -37.44 -37.61 -21.38
C LEU B 214 -37.33 -36.59 -20.25
N ALA B 215 -38.38 -36.54 -19.43
CA ALA B 215 -38.37 -35.58 -18.33
C ALA B 215 -37.17 -35.79 -17.40
N GLU B 216 -36.83 -37.05 -17.10
CA GLU B 216 -35.67 -37.28 -16.24
C GLU B 216 -34.38 -36.79 -16.91
N LEU B 217 -34.27 -36.98 -18.22
CA LEU B 217 -33.08 -36.52 -18.93
C LEU B 217 -32.96 -35.00 -18.85
N VAL B 218 -34.08 -34.31 -19.07
CA VAL B 218 -34.07 -32.86 -19.02
C VAL B 218 -33.74 -32.37 -17.60
N HIS B 219 -34.32 -33.03 -16.61
CA HIS B 219 -34.07 -32.64 -15.22
C HIS B 219 -32.62 -32.82 -14.88
N HIS B 220 -32.00 -33.87 -15.41
CA HIS B 220 -30.59 -34.07 -15.13
C HIS B 220 -29.76 -32.95 -15.73
N HIS B 221 -29.99 -32.63 -17.00
CA HIS B 221 -29.20 -31.59 -17.66
C HIS B 221 -29.59 -30.18 -17.25
N SER B 222 -30.64 -30.06 -16.44
CA SER B 222 -31.06 -28.78 -15.91
C SER B 222 -30.15 -28.44 -14.71
N THR B 223 -29.45 -29.44 -14.17
CA THR B 223 -28.57 -29.19 -13.00
C THR B 223 -27.08 -29.23 -13.31
N VAL B 224 -26.67 -30.11 -14.23
CA VAL B 224 -25.27 -30.19 -14.65
C VAL B 224 -25.25 -30.32 -16.18
N ALA B 225 -24.35 -29.62 -16.85
CA ALA B 225 -24.28 -29.63 -18.33
C ALA B 225 -24.04 -31.03 -18.86
N ASP B 226 -23.09 -31.73 -18.22
CA ASP B 226 -22.77 -33.12 -18.52
C ASP B 226 -22.75 -33.47 -20.01
N GLY B 227 -21.98 -32.70 -20.77
CA GLY B 227 -21.89 -32.96 -22.19
C GLY B 227 -22.45 -31.83 -23.03
N LEU B 228 -23.40 -31.08 -22.48
CA LEU B 228 -23.99 -29.95 -23.21
C LEU B 228 -23.11 -28.71 -22.99
N ILE B 229 -23.22 -27.71 -23.87
CA ILE B 229 -22.41 -26.52 -23.72
C ILE B 229 -22.69 -25.83 -22.37
N THR B 230 -23.94 -25.93 -21.89
CA THR B 230 -24.28 -25.35 -20.59
C THR B 230 -25.53 -26.07 -20.08
N THR B 231 -26.04 -25.65 -18.93
CA THR B 231 -27.22 -26.27 -18.35
C THR B 231 -28.51 -25.78 -19.02
N LEU B 232 -29.55 -26.60 -18.91
CA LEU B 232 -30.89 -26.29 -19.44
C LEU B 232 -31.64 -25.62 -18.31
N HIS B 233 -31.70 -24.29 -18.33
CA HIS B 233 -32.32 -23.55 -17.23
C HIS B 233 -33.57 -22.76 -17.50
N TYR B 234 -33.71 -22.23 -18.71
CA TYR B 234 -35.03 -21.58 -18.96
C TYR B 234 -35.84 -22.06 -20.16
N PRO B 235 -36.93 -22.78 -19.91
CA PRO B 235 -37.76 -23.27 -21.02
C PRO B 235 -38.21 -22.12 -21.92
N ALA B 236 -38.14 -22.30 -23.24
CA ALA B 236 -38.59 -21.25 -24.17
C ALA B 236 -40.10 -21.10 -24.04
N PRO B 237 -40.58 -19.87 -23.83
CA PRO B 237 -42.01 -19.68 -23.68
C PRO B 237 -42.81 -20.04 -24.93
N ASP B 252 -52.39 -2.73 -20.76
CA ASP B 252 -50.92 -2.48 -20.54
C ASP B 252 -50.12 -2.45 -21.89
N LYS B 253 -49.96 -1.31 -22.66
CA LYS B 253 -49.26 -1.32 -24.04
C LYS B 253 -47.75 -1.71 -24.01
N TRP B 254 -47.29 -1.92 -22.77
CA TRP B 254 -45.88 -2.20 -22.49
C TRP B 254 -45.44 -3.60 -22.81
N GLU B 255 -46.31 -4.59 -22.59
CA GLU B 255 -45.97 -5.98 -22.87
C GLU B 255 -45.60 -6.21 -24.33
N MET B 256 -44.59 -7.04 -24.56
CA MET B 256 -44.20 -7.32 -25.92
C MET B 256 -43.85 -8.81 -26.08
N GLU B 257 -44.33 -9.40 -27.16
CA GLU B 257 -44.06 -10.81 -27.33
C GLU B 257 -42.59 -11.00 -27.61
N ARG B 258 -42.02 -11.86 -26.82
CA ARG B 258 -40.63 -12.10 -26.99
C ARG B 258 -40.32 -12.69 -28.36
N THR B 259 -41.33 -12.94 -29.21
CA THR B 259 -40.98 -13.55 -30.49
C THR B 259 -40.34 -12.54 -31.43
N ASP B 260 -39.82 -11.49 -30.81
CA ASP B 260 -39.29 -10.35 -31.51
C ASP B 260 -37.97 -9.74 -31.00
N ILE B 261 -37.36 -10.25 -29.94
CA ILE B 261 -36.09 -9.69 -29.43
C ILE B 261 -34.91 -10.64 -29.63
N THR B 262 -33.86 -10.13 -30.26
CA THR B 262 -32.65 -10.90 -30.49
C THR B 262 -31.63 -10.39 -29.48
N MET B 263 -31.21 -11.24 -28.56
CA MET B 263 -30.24 -10.83 -27.56
C MET B 263 -28.83 -10.91 -28.11
N LYS B 264 -28.00 -9.91 -27.77
CA LYS B 264 -26.63 -9.90 -28.22
C LYS B 264 -25.65 -9.92 -27.06
N HIS B 265 -24.55 -9.19 -27.18
CA HIS B 265 -23.56 -9.21 -26.11
C HIS B 265 -23.94 -8.40 -24.87
N LYS B 266 -23.43 -8.83 -23.73
CA LYS B 266 -23.67 -8.14 -22.48
C LYS B 266 -23.03 -6.76 -22.54
N LEU B 267 -23.61 -5.81 -21.83
CA LEU B 267 -23.10 -4.45 -21.80
C LEU B 267 -22.45 -4.09 -20.47
N GLY B 268 -21.37 -3.31 -20.55
CA GLY B 268 -20.69 -2.83 -19.36
C GLY B 268 -19.85 -3.82 -18.57
N GLY B 269 -19.46 -4.93 -19.19
CA GLY B 269 -18.65 -5.91 -18.49
C GLY B 269 -19.28 -6.43 -17.22
N GLY B 270 -20.60 -6.37 -17.13
CA GLY B 270 -21.28 -6.87 -15.94
C GLY B 270 -21.53 -5.88 -14.82
N GLN B 271 -21.03 -4.65 -14.93
CA GLN B 271 -21.24 -3.69 -13.84
C GLN B 271 -22.69 -3.26 -13.65
N TYR B 272 -23.54 -3.55 -14.63
CA TYR B 272 -24.94 -3.15 -14.51
C TYR B 272 -25.79 -4.39 -14.33
N GLY B 273 -25.13 -5.53 -14.14
CA GLY B 273 -25.87 -6.78 -14.01
C GLY B 273 -26.14 -7.39 -15.38
N GLU B 274 -27.24 -8.12 -15.46
CA GLU B 274 -27.66 -8.83 -16.66
C GLU B 274 -28.34 -7.95 -17.71
N VAL B 275 -27.54 -7.06 -18.31
CA VAL B 275 -28.02 -6.13 -19.32
C VAL B 275 -27.32 -6.42 -20.64
N TYR B 276 -28.12 -6.64 -21.68
CA TYR B 276 -27.60 -6.96 -23.00
C TYR B 276 -28.07 -6.05 -24.13
N GLU B 277 -27.23 -5.88 -25.13
CA GLU B 277 -27.62 -5.09 -26.28
C GLU B 277 -28.51 -6.08 -27.02
N GLY B 278 -29.56 -5.57 -27.65
CA GLY B 278 -30.45 -6.43 -28.39
C GLY B 278 -31.06 -5.69 -29.57
N VAL B 279 -31.71 -6.42 -30.45
CA VAL B 279 -32.36 -5.81 -31.60
C VAL B 279 -33.83 -6.16 -31.52
N TRP B 280 -34.69 -5.17 -31.69
CA TRP B 280 -36.13 -5.41 -31.67
C TRP B 280 -36.51 -5.58 -33.14
N LYS B 281 -36.48 -6.82 -33.60
CA LYS B 281 -36.80 -7.22 -34.97
C LYS B 281 -37.87 -6.32 -35.59
N LYS B 282 -39.07 -6.31 -35.05
CA LYS B 282 -40.22 -5.57 -35.54
C LYS B 282 -39.80 -4.21 -36.10
N TYR B 283 -38.73 -3.60 -35.60
CA TYR B 283 -38.28 -2.29 -36.06
C TYR B 283 -36.81 -2.31 -36.39
N SER B 284 -36.18 -3.48 -36.30
CA SER B 284 -34.74 -3.61 -36.54
C SER B 284 -34.05 -2.56 -35.67
N LEU B 285 -34.76 -2.19 -34.59
CA LEU B 285 -34.34 -1.20 -33.61
C LEU B 285 -33.39 -1.77 -32.56
N THR B 286 -32.25 -1.11 -32.33
CA THR B 286 -31.31 -1.57 -31.32
C THR B 286 -31.83 -1.14 -29.95
N VAL B 287 -31.76 -2.04 -28.97
CA VAL B 287 -32.26 -1.74 -27.64
C VAL B 287 -31.35 -2.30 -26.57
N ALA B 288 -31.64 -2.00 -25.31
CA ALA B 288 -30.91 -2.56 -24.19
C ALA B 288 -31.95 -3.42 -23.48
N VAL B 289 -31.56 -4.61 -23.05
CA VAL B 289 -32.50 -5.50 -22.38
C VAL B 289 -31.93 -6.03 -21.07
N LYS B 290 -32.65 -5.84 -19.99
CA LYS B 290 -32.25 -6.38 -18.72
C LYS B 290 -33.10 -7.62 -18.52
N THR B 291 -32.40 -8.69 -18.49
CA THR B 291 -33.02 -9.93 -18.23
C THR B 291 -32.60 -10.30 -16.82
N LEU B 292 -33.62 -10.70 -16.05
CA LEU B 292 -33.49 -11.11 -14.66
C LEU B 292 -32.60 -12.33 -14.41
N LYS B 293 -31.63 -12.07 -13.50
CA LYS B 293 -30.63 -13.00 -13.00
C LYS B 293 -31.27 -14.02 -12.09
N GLU B 294 -30.77 -15.25 -12.34
CA GLU B 294 -31.14 -16.49 -11.69
C GLU B 294 -31.26 -16.21 -10.25
N ASP B 295 -30.14 -15.88 -9.70
CA ASP B 295 -30.21 -15.64 -8.32
C ASP B 295 -29.77 -14.29 -7.87
N THR B 296 -30.66 -13.69 -7.14
CA THR B 296 -30.32 -12.45 -6.47
C THR B 296 -31.52 -11.90 -5.79
N MET B 297 -31.37 -10.62 -5.50
CA MET B 297 -32.49 -9.94 -4.99
C MET B 297 -33.62 -10.36 -5.89
N GLU B 298 -34.59 -10.94 -5.23
CA GLU B 298 -35.81 -11.50 -5.76
C GLU B 298 -36.53 -10.66 -6.77
N VAL B 299 -37.36 -11.37 -7.45
CA VAL B 299 -38.20 -10.89 -8.45
C VAL B 299 -38.87 -9.53 -8.14
N GLU B 300 -39.29 -9.37 -6.90
CA GLU B 300 -40.01 -8.18 -6.47
C GLU B 300 -39.25 -6.91 -6.84
N GLU B 301 -37.94 -6.97 -6.72
CA GLU B 301 -37.08 -5.84 -7.03
C GLU B 301 -37.11 -5.54 -8.53
N PHE B 302 -37.03 -6.59 -9.33
CA PHE B 302 -37.04 -6.48 -10.79
C PHE B 302 -38.34 -5.87 -11.24
N LEU B 303 -39.46 -6.39 -10.73
CA LEU B 303 -40.77 -5.89 -11.10
C LEU B 303 -41.03 -4.46 -10.67
N LYS B 304 -40.53 -4.09 -9.49
CA LYS B 304 -40.71 -2.72 -9.03
C LYS B 304 -39.94 -1.79 -9.97
N GLU B 305 -38.80 -2.25 -10.44
CA GLU B 305 -38.02 -1.42 -11.36
C GLU B 305 -38.81 -1.19 -12.63
N ALA B 306 -39.42 -2.27 -13.15
CA ALA B 306 -40.23 -2.15 -14.36
C ALA B 306 -41.40 -1.20 -14.12
N ALA B 307 -42.05 -1.33 -12.96
CA ALA B 307 -43.18 -0.49 -12.60
C ALA B 307 -42.78 0.99 -12.57
N VAL B 308 -41.70 1.30 -11.87
CA VAL B 308 -41.21 2.67 -11.77
C VAL B 308 -40.91 3.24 -13.16
N MET B 309 -40.20 2.47 -13.97
CA MET B 309 -39.84 2.95 -15.27
C MET B 309 -41.01 3.27 -16.19
N LYS B 310 -42.16 2.66 -15.95
CA LYS B 310 -43.32 2.96 -16.76
C LYS B 310 -43.78 4.39 -16.50
N GLU B 311 -43.51 4.89 -15.30
CA GLU B 311 -43.93 6.24 -14.92
C GLU B 311 -42.94 7.36 -15.27
N ILE B 312 -41.68 7.00 -15.49
CA ILE B 312 -40.67 8.01 -15.77
C ILE B 312 -40.72 8.46 -17.23
N LYS B 313 -40.86 9.77 -17.42
CA LYS B 313 -40.91 10.37 -18.75
C LYS B 313 -40.13 11.68 -18.79
N HIS B 314 -38.87 11.61 -19.17
CA HIS B 314 -38.04 12.81 -19.24
C HIS B 314 -36.96 12.57 -20.29
N PRO B 315 -36.59 13.61 -21.06
CA PRO B 315 -35.59 13.44 -22.11
C PRO B 315 -34.23 12.95 -21.65
N ASN B 316 -33.92 13.15 -20.37
CA ASN B 316 -32.62 12.76 -19.83
C ASN B 316 -32.62 11.59 -18.82
N LEU B 317 -33.66 10.76 -18.88
CA LEU B 317 -33.72 9.54 -18.07
C LEU B 317 -33.96 8.41 -19.07
N VAL B 318 -33.13 7.37 -19.02
CA VAL B 318 -33.27 6.24 -19.94
C VAL B 318 -34.73 5.84 -20.04
N GLN B 319 -35.24 5.80 -21.27
CA GLN B 319 -36.65 5.49 -21.51
C GLN B 319 -37.03 4.04 -21.72
N LEU B 320 -38.07 3.60 -21.03
CA LEU B 320 -38.59 2.24 -21.16
C LEU B 320 -39.30 2.13 -22.51
N LEU B 321 -39.14 0.99 -23.18
CA LEU B 321 -39.84 0.77 -24.46
C LEU B 321 -40.82 -0.41 -24.34
N GLY B 322 -40.54 -1.34 -23.44
CA GLY B 322 -41.42 -2.48 -23.27
C GLY B 322 -40.96 -3.44 -22.20
N VAL B 323 -41.82 -4.40 -21.87
CA VAL B 323 -41.48 -5.41 -20.87
C VAL B 323 -42.01 -6.76 -21.34
N CYS B 324 -41.44 -7.83 -20.78
CA CYS B 324 -41.86 -9.19 -21.06
C CYS B 324 -42.02 -9.78 -19.66
N THR B 325 -43.23 -9.75 -19.13
CA THR B 325 -43.48 -10.27 -17.79
C THR B 325 -44.50 -11.42 -17.77
N ARG B 326 -44.83 -11.94 -18.95
CA ARG B 326 -45.80 -13.03 -19.02
C ARG B 326 -45.22 -14.34 -18.52
N GLU B 327 -43.91 -14.49 -18.68
CA GLU B 327 -43.22 -15.70 -18.26
C GLU B 327 -41.71 -15.49 -18.24
N PRO B 328 -40.99 -16.24 -17.40
CA PRO B 328 -39.54 -16.13 -17.31
C PRO B 328 -38.87 -16.48 -18.62
N PRO B 329 -37.70 -15.87 -18.92
CA PRO B 329 -37.02 -14.86 -18.10
C PRO B 329 -37.69 -13.51 -18.33
N PHE B 330 -37.97 -12.78 -17.26
CA PHE B 330 -38.60 -11.47 -17.41
C PHE B 330 -37.62 -10.51 -18.08
N TYR B 331 -38.12 -9.64 -18.95
CA TYR B 331 -37.29 -8.65 -19.65
C TYR B 331 -37.77 -7.22 -19.39
N ILE B 332 -36.82 -6.30 -19.35
CA ILE B 332 -37.13 -4.86 -19.24
C ILE B 332 -36.35 -4.36 -20.46
N ILE B 333 -37.04 -3.72 -21.41
CA ILE B 333 -36.40 -3.25 -22.65
C ILE B 333 -36.39 -1.73 -22.74
N THR B 334 -35.22 -1.14 -22.94
CA THR B 334 -35.14 0.32 -23.04
C THR B 334 -34.41 0.76 -24.29
N GLU B 335 -34.40 2.06 -24.50
CA GLU B 335 -33.68 2.62 -25.63
C GLU B 335 -32.23 2.27 -25.36
N PHE B 336 -31.44 2.25 -26.42
CA PHE B 336 -30.02 1.94 -26.33
C PHE B 336 -29.20 3.23 -26.44
N MET B 337 -28.30 3.46 -25.48
CA MET B 337 -27.43 4.64 -25.52
C MET B 337 -26.16 4.13 -26.17
N THR B 338 -25.88 4.61 -27.37
CA THR B 338 -24.76 4.12 -28.15
C THR B 338 -23.32 4.25 -27.65
N TYR B 339 -23.00 5.33 -26.93
CA TYR B 339 -21.62 5.53 -26.49
C TYR B 339 -21.30 4.93 -25.11
N GLY B 340 -22.28 4.74 -24.19
CA GLY B 340 -22.01 4.12 -22.88
C GLY B 340 -22.21 5.10 -21.71
N ASN B 341 -21.52 4.85 -20.59
CA ASN B 341 -21.70 5.74 -19.46
C ASN B 341 -20.78 6.96 -19.51
N LEU B 342 -21.22 8.01 -18.83
CA LEU B 342 -20.51 9.28 -18.81
C LEU B 342 -19.09 9.21 -18.27
N LEU B 343 -18.88 8.36 -17.27
CA LEU B 343 -17.55 8.25 -16.65
C LEU B 343 -16.52 7.80 -17.70
N ASP B 344 -16.80 6.68 -18.36
CA ASP B 344 -15.91 6.17 -19.40
C ASP B 344 -15.80 7.16 -20.53
N TYR B 345 -16.92 7.78 -20.91
CA TYR B 345 -16.90 8.75 -22.00
C TYR B 345 -15.93 9.90 -21.70
N LEU B 346 -16.02 10.47 -20.51
CA LEU B 346 -15.13 11.57 -20.14
C LEU B 346 -13.67 11.15 -20.07
N ARG B 347 -13.42 9.94 -19.60
CA ARG B 347 -12.04 9.49 -19.48
C ARG B 347 -11.37 9.21 -20.81
N GLU B 348 -12.18 8.85 -21.81
CA GLU B 348 -11.65 8.50 -23.12
C GLU B 348 -11.90 9.53 -24.20
N CYS B 349 -12.50 10.66 -23.85
CA CYS B 349 -12.83 11.64 -24.88
C CYS B 349 -11.68 12.55 -25.33
N ASN B 350 -11.91 13.21 -26.45
CA ASN B 350 -10.98 14.18 -27.00
C ASN B 350 -11.37 15.47 -26.29
N ARG B 351 -10.52 15.93 -25.38
CA ARG B 351 -10.82 17.13 -24.62
C ARG B 351 -10.92 18.43 -25.42
N GLN B 352 -10.56 18.37 -26.70
CA GLN B 352 -10.64 19.53 -27.59
C GLN B 352 -12.09 19.64 -28.04
N GLU B 353 -12.68 18.50 -28.37
CA GLU B 353 -14.06 18.43 -28.80
C GLU B 353 -14.98 18.61 -27.61
N VAL B 354 -14.67 17.93 -26.52
CA VAL B 354 -15.49 17.99 -25.31
C VAL B 354 -14.89 19.05 -24.39
N ASN B 355 -15.11 20.30 -24.75
CA ASN B 355 -14.58 21.43 -24.00
C ASN B 355 -15.52 21.82 -22.86
N ALA B 356 -15.17 22.88 -22.15
CA ALA B 356 -15.98 23.32 -21.03
C ALA B 356 -17.45 23.57 -21.37
N VAL B 357 -17.74 24.11 -22.55
CA VAL B 357 -19.14 24.35 -22.89
C VAL B 357 -19.90 23.04 -23.03
N VAL B 358 -19.21 21.98 -23.45
CA VAL B 358 -19.84 20.67 -23.58
C VAL B 358 -20.06 20.06 -22.18
N LEU B 359 -19.08 20.23 -21.30
CA LEU B 359 -19.25 19.71 -19.93
C LEU B 359 -20.41 20.42 -19.25
N LEU B 360 -20.54 21.73 -19.48
CA LEU B 360 -21.65 22.48 -18.88
C LEU B 360 -22.98 21.96 -19.44
N TYR B 361 -23.00 21.68 -20.74
CA TYR B 361 -24.21 21.18 -21.38
C TYR B 361 -24.64 19.83 -20.75
N MET B 362 -23.67 18.97 -20.49
CA MET B 362 -23.99 17.68 -19.90
C MET B 362 -24.43 17.81 -18.44
N ALA B 363 -23.74 18.63 -17.66
CA ALA B 363 -24.14 18.82 -16.27
C ALA B 363 -25.54 19.40 -16.17
N THR B 364 -25.87 20.31 -17.10
CA THR B 364 -27.18 20.93 -17.06
C THR B 364 -28.28 19.91 -17.33
N GLN B 365 -28.04 19.02 -18.28
CA GLN B 365 -29.02 17.99 -18.62
C GLN B 365 -29.26 17.11 -17.40
N ILE B 366 -28.20 16.72 -16.70
CA ILE B 366 -28.34 15.88 -15.51
C ILE B 366 -29.15 16.63 -14.44
N SER B 367 -28.88 17.91 -14.26
CA SER B 367 -29.65 18.62 -13.25
C SER B 367 -31.11 18.73 -13.63
N SER B 368 -31.42 18.78 -14.94
CA SER B 368 -32.81 18.86 -15.37
C SER B 368 -33.55 17.55 -15.00
N ALA B 369 -32.88 16.42 -15.25
CA ALA B 369 -33.46 15.12 -14.90
C ALA B 369 -33.71 15.06 -13.40
N MET B 370 -32.75 15.53 -12.61
CA MET B 370 -32.94 15.45 -11.15
C MET B 370 -34.03 16.41 -10.65
N GLU B 371 -34.21 17.55 -11.32
CA GLU B 371 -35.23 18.51 -10.95
C GLU B 371 -36.58 17.82 -11.19
N TYR B 372 -36.65 17.01 -12.23
CA TYR B 372 -37.90 16.29 -12.53
C TYR B 372 -38.19 15.26 -11.43
N LEU B 373 -37.19 14.47 -11.07
CA LEU B 373 -37.39 13.46 -10.01
C LEU B 373 -37.79 14.15 -8.70
N GLU B 374 -37.19 15.30 -8.44
CA GLU B 374 -37.50 16.07 -7.25
C GLU B 374 -38.97 16.49 -7.23
N LYS B 375 -39.46 16.96 -8.35
CA LYS B 375 -40.84 17.43 -8.41
C LYS B 375 -41.84 16.27 -8.44
N LYS B 376 -41.40 15.10 -8.92
CA LYS B 376 -42.29 13.94 -9.01
C LYS B 376 -42.19 13.02 -7.81
N ASN B 377 -41.50 13.46 -6.77
CA ASN B 377 -41.36 12.69 -5.54
C ASN B 377 -40.67 11.34 -5.65
N PHE B 378 -39.50 11.36 -6.28
CA PHE B 378 -38.65 10.17 -6.39
C PHE B 378 -37.27 10.54 -5.86
N ILE B 379 -36.52 9.53 -5.42
CA ILE B 379 -35.14 9.75 -5.04
C ILE B 379 -34.38 8.68 -5.82
N HIS B 380 -33.11 8.96 -6.12
CA HIS B 380 -32.27 8.06 -6.95
C HIS B 380 -31.36 7.14 -6.14
N ARG B 381 -30.57 7.74 -5.25
CA ARG B 381 -29.63 7.07 -4.36
C ARG B 381 -28.35 6.51 -4.99
N ASN B 382 -28.24 6.55 -6.30
CA ASN B 382 -27.04 6.05 -6.95
C ASN B 382 -26.56 7.03 -8.02
N LEU B 383 -26.72 8.32 -7.77
CA LEU B 383 -26.28 9.30 -8.75
C LEU B 383 -24.75 9.35 -8.79
N ALA B 384 -24.18 9.16 -9.97
CA ALA B 384 -22.74 9.16 -10.18
C ALA B 384 -22.53 9.14 -11.69
N ALA B 385 -21.36 9.56 -12.16
CA ALA B 385 -21.14 9.59 -13.61
C ALA B 385 -21.30 8.21 -14.25
N ARG B 386 -20.96 7.15 -13.53
CA ARG B 386 -21.07 5.79 -14.10
C ARG B 386 -22.53 5.42 -14.33
N ASN B 387 -23.46 6.18 -13.72
CA ASN B 387 -24.88 5.91 -13.89
C ASN B 387 -25.62 6.94 -14.75
N CYS B 388 -24.85 7.70 -15.53
CA CYS B 388 -25.40 8.64 -16.51
C CYS B 388 -24.95 8.02 -17.84
N LEU B 389 -25.84 8.01 -18.84
CA LEU B 389 -25.53 7.41 -20.13
C LEU B 389 -25.50 8.48 -21.21
N VAL B 390 -24.61 8.30 -22.18
CA VAL B 390 -24.40 9.26 -23.26
C VAL B 390 -24.92 8.80 -24.61
N GLY B 391 -25.61 9.70 -25.29
CA GLY B 391 -26.16 9.40 -26.60
C GLY B 391 -25.48 10.27 -27.65
N GLU B 392 -26.14 10.45 -28.77
CA GLU B 392 -25.60 11.26 -29.85
C GLU B 392 -25.63 12.74 -29.48
N ASN B 393 -24.70 13.51 -30.06
CA ASN B 393 -24.66 14.94 -29.82
C ASN B 393 -24.65 15.34 -28.33
N HIS B 394 -23.89 14.58 -27.54
CA HIS B 394 -23.74 14.82 -26.11
C HIS B 394 -25.02 14.85 -25.31
N LEU B 395 -26.02 14.11 -25.79
CA LEU B 395 -27.26 14.01 -25.02
C LEU B 395 -26.89 13.10 -23.86
N VAL B 396 -27.34 13.45 -22.66
CA VAL B 396 -27.06 12.63 -21.49
C VAL B 396 -28.37 12.31 -20.78
N LYS B 397 -28.50 11.06 -20.37
CA LYS B 397 -29.68 10.63 -19.63
C LYS B 397 -29.19 9.77 -18.43
N VAL B 398 -29.77 9.98 -17.24
CA VAL B 398 -29.48 9.35 -15.96
C VAL B 398 -30.16 8.06 -15.94
N ALA B 399 -29.45 7.04 -15.58
CA ALA B 399 -30.14 5.81 -15.53
C ALA B 399 -31.24 5.89 -14.46
N ASP B 400 -32.40 5.30 -14.73
CA ASP B 400 -33.46 5.37 -13.75
C ASP B 400 -33.90 4.04 -13.15
N PHE B 401 -32.94 3.13 -13.01
CA PHE B 401 -33.22 1.87 -12.36
C PHE B 401 -33.08 2.22 -10.88
N GLY B 402 -33.66 1.39 -10.01
CA GLY B 402 -33.53 1.62 -8.59
C GLY B 402 -34.18 2.83 -7.96
N LEU B 403 -34.98 3.59 -8.70
CA LEU B 403 -35.61 4.76 -8.08
C LEU B 403 -36.57 4.34 -6.96
N SER B 404 -36.76 5.22 -5.98
CA SER B 404 -37.66 4.95 -4.88
C SER B 404 -38.64 6.10 -4.79
N ARG B 405 -39.87 5.80 -4.39
CA ARG B 405 -40.87 6.83 -4.26
C ARG B 405 -40.73 7.40 -2.86
N LEU B 406 -40.68 8.72 -2.77
CA LEU B 406 -40.53 9.38 -1.48
C LEU B 406 -41.06 10.79 -1.59
N MET B 407 -42.06 11.15 -0.80
CA MET B 407 -42.60 12.52 -0.88
C MET B 407 -41.43 13.46 -0.63
N THR B 408 -41.18 14.34 -1.59
CA THR B 408 -40.08 15.29 -1.51
C THR B 408 -40.19 16.09 -0.23
N GLY B 409 -39.27 15.80 0.68
CA GLY B 409 -39.25 16.44 1.99
C GLY B 409 -39.17 15.38 3.09
N ASP B 410 -39.58 14.16 2.75
CA ASP B 410 -39.54 13.04 3.70
C ASP B 410 -38.18 12.34 3.62
N THR B 411 -37.96 11.40 4.52
CA THR B 411 -36.70 10.66 4.55
C THR B 411 -36.90 9.15 4.39
N TYR B 412 -35.99 8.53 3.65
CA TYR B 412 -36.02 7.10 3.42
C TYR B 412 -34.87 6.52 4.22
N THR B 413 -35.13 5.47 4.99
CA THR B 413 -34.06 4.86 5.78
C THR B 413 -33.72 3.49 5.21
N ALA B 414 -32.43 3.25 4.96
CA ALA B 414 -32.03 1.95 4.44
C ALA B 414 -31.79 1.03 5.63
N HIS B 415 -32.10 -0.25 5.49
CA HIS B 415 -31.91 -1.20 6.59
C HIS B 415 -30.42 -1.27 6.90
N ALA B 416 -30.09 -1.29 8.19
CA ALA B 416 -28.69 -1.35 8.61
C ALA B 416 -27.98 -2.48 7.85
N GLY B 417 -26.71 -2.24 7.54
CA GLY B 417 -25.94 -3.24 6.82
C GLY B 417 -25.80 -2.89 5.35
N ALA B 418 -26.70 -2.03 4.86
CA ALA B 418 -26.64 -1.62 3.47
C ALA B 418 -25.24 -1.06 3.19
N LYS B 419 -24.67 -1.44 2.05
CA LYS B 419 -23.35 -0.97 1.68
C LYS B 419 -23.51 0.12 0.62
N PHE B 420 -22.91 1.28 0.85
CA PHE B 420 -23.01 2.38 -0.10
C PHE B 420 -21.68 2.77 -0.71
N PRO B 421 -21.73 3.48 -1.85
CA PRO B 421 -20.51 3.95 -2.53
C PRO B 421 -20.15 5.20 -1.71
N ILE B 422 -19.31 4.99 -0.72
CA ILE B 422 -18.88 6.02 0.22
C ILE B 422 -18.58 7.39 -0.36
N LYS B 423 -17.78 7.44 -1.43
CA LYS B 423 -17.40 8.74 -1.97
C LYS B 423 -18.54 9.60 -2.51
N TRP B 424 -19.67 8.99 -2.81
CA TRP B 424 -20.82 9.74 -3.35
C TRP B 424 -21.93 9.83 -2.33
N THR B 425 -21.69 9.34 -1.13
CA THR B 425 -22.72 9.30 -0.11
C THR B 425 -22.70 10.45 0.89
N ALA B 426 -23.86 11.08 1.10
CA ALA B 426 -23.97 12.19 2.02
C ALA B 426 -23.70 11.75 3.46
N PRO B 427 -23.25 12.69 4.30
CA PRO B 427 -22.96 12.36 5.71
C PRO B 427 -24.11 11.71 6.50
N GLU B 428 -25.33 12.21 6.35
CA GLU B 428 -26.46 11.65 7.08
C GLU B 428 -26.77 10.22 6.62
N SER B 429 -26.38 9.89 5.38
CA SER B 429 -26.60 8.55 4.86
C SER B 429 -25.56 7.61 5.47
N LEU B 430 -24.31 8.07 5.50
CA LEU B 430 -23.22 7.29 6.06
C LEU B 430 -23.44 6.96 7.55
N ALA B 431 -23.88 7.96 8.29
CA ALA B 431 -24.08 7.83 9.73
C ALA B 431 -25.40 7.23 10.16
N TYR B 432 -26.48 7.60 9.48
CA TYR B 432 -27.78 7.12 9.88
C TYR B 432 -28.57 6.36 8.85
N ASN B 433 -27.98 6.13 7.68
CA ASN B 433 -28.67 5.42 6.61
C ASN B 433 -29.91 6.18 6.14
N LYS B 434 -29.91 7.50 6.35
CA LYS B 434 -31.04 8.32 5.92
C LYS B 434 -30.79 8.90 4.53
N PHE B 435 -31.78 8.78 3.65
CA PHE B 435 -31.67 9.32 2.30
C PHE B 435 -32.85 10.21 2.00
N SER B 436 -32.62 11.23 1.18
CA SER B 436 -33.67 12.14 0.77
C SER B 436 -33.22 12.77 -0.54
N ILE B 437 -34.04 13.64 -1.13
CA ILE B 437 -33.62 14.27 -2.38
C ILE B 437 -32.35 15.09 -2.08
N LYS B 438 -32.16 15.47 -0.82
CA LYS B 438 -30.98 16.25 -0.42
C LYS B 438 -29.72 15.39 -0.42
N SER B 439 -29.84 14.08 -0.19
CA SER B 439 -28.63 13.27 -0.25
C SER B 439 -28.31 13.10 -1.75
N ASP B 440 -29.31 13.16 -2.61
CA ASP B 440 -29.04 13.10 -4.06
C ASP B 440 -28.32 14.41 -4.44
N VAL B 441 -28.69 15.54 -3.81
CA VAL B 441 -28.01 16.81 -4.13
C VAL B 441 -26.52 16.68 -3.80
N TRP B 442 -26.22 16.05 -2.66
CA TRP B 442 -24.83 15.87 -2.29
C TRP B 442 -24.11 15.05 -3.37
N ALA B 443 -24.71 13.94 -3.79
CA ALA B 443 -24.12 13.09 -4.81
C ALA B 443 -23.94 13.90 -6.10
N PHE B 444 -24.89 14.77 -6.40
CA PHE B 444 -24.77 15.55 -7.64
C PHE B 444 -23.51 16.41 -7.57
N GLY B 445 -23.18 16.90 -6.38
CA GLY B 445 -21.97 17.70 -6.23
C GLY B 445 -20.74 16.87 -6.57
N VAL B 446 -20.72 15.61 -6.14
CA VAL B 446 -19.57 14.76 -6.44
C VAL B 446 -19.57 14.48 -7.95
N LEU B 447 -20.74 14.27 -8.52
CA LEU B 447 -20.86 14.01 -9.96
C LEU B 447 -20.32 15.23 -10.72
N LEU B 448 -20.65 16.44 -10.26
CA LEU B 448 -20.17 17.67 -10.89
C LEU B 448 -18.63 17.71 -10.87
N TRP B 449 -18.04 17.27 -9.76
CA TRP B 449 -16.59 17.24 -9.64
C TRP B 449 -16.04 16.21 -10.64
N GLU B 450 -16.72 15.06 -10.80
CA GLU B 450 -16.27 14.05 -11.76
C GLU B 450 -16.31 14.65 -13.17
N ILE B 451 -17.34 15.41 -13.46
CA ILE B 451 -17.43 16.02 -14.78
C ILE B 451 -16.30 17.03 -15.01
N ALA B 452 -16.09 17.91 -14.04
CA ALA B 452 -15.06 18.95 -14.11
C ALA B 452 -13.64 18.42 -14.17
N THR B 453 -13.44 17.17 -13.77
CA THR B 453 -12.10 16.59 -13.80
C THR B 453 -11.95 15.57 -14.93
N TYR B 454 -12.95 15.49 -15.82
CA TYR B 454 -12.95 14.52 -16.91
C TYR B 454 -12.86 13.09 -16.37
N GLY B 455 -13.60 12.84 -15.30
CA GLY B 455 -13.68 11.50 -14.73
C GLY B 455 -12.65 11.05 -13.71
N MET B 456 -12.06 11.95 -12.95
CA MET B 456 -11.10 11.50 -11.94
C MET B 456 -11.83 10.81 -10.78
N SER B 457 -11.15 9.91 -10.09
CA SER B 457 -11.74 9.25 -8.94
C SER B 457 -11.83 10.30 -7.82
N PRO B 458 -12.97 10.39 -7.13
CA PRO B 458 -13.09 11.39 -6.05
C PRO B 458 -12.16 11.12 -4.85
N TYR B 459 -11.85 12.15 -4.17
CA TYR B 459 -11.04 12.09 -2.90
C TYR B 459 -9.79 11.25 -3.04
N PRO B 460 -8.94 11.46 -4.03
CA PRO B 460 -7.96 10.47 -4.50
C PRO B 460 -7.02 10.00 -3.38
N GLY B 461 -7.16 8.76 -3.08
CA GLY B 461 -6.25 8.19 -2.13
C GLY B 461 -6.67 8.50 -0.69
N ILE B 462 -7.69 9.37 -0.42
CA ILE B 462 -8.12 9.55 1.05
C ILE B 462 -8.91 8.26 1.44
N ASP B 463 -8.17 7.30 2.08
CA ASP B 463 -8.69 5.97 2.48
C ASP B 463 -10.12 6.11 2.88
N LEU B 464 -10.93 5.23 2.35
CA LEU B 464 -12.33 5.38 2.62
C LEU B 464 -12.64 5.47 4.11
N SER B 465 -11.66 5.09 4.91
CA SER B 465 -11.85 5.05 6.35
C SER B 465 -11.97 6.41 7.11
N GLN B 466 -11.38 7.51 6.64
CA GLN B 466 -11.38 8.80 7.33
C GLN B 466 -12.32 9.78 6.62
N VAL B 467 -13.02 9.44 5.57
CA VAL B 467 -13.89 10.39 4.86
C VAL B 467 -14.93 11.09 5.73
N TYR B 468 -15.71 10.35 6.49
CA TYR B 468 -16.72 10.99 7.31
C TYR B 468 -16.11 11.95 8.32
N GLU B 469 -15.05 11.51 8.98
CA GLU B 469 -14.38 12.35 9.96
C GLU B 469 -13.88 13.66 9.33
N LEU B 470 -13.27 13.56 8.16
CA LEU B 470 -12.77 14.74 7.44
C LEU B 470 -13.92 15.68 7.05
N LEU B 471 -14.99 15.10 6.49
CA LEU B 471 -16.14 15.91 6.10
C LEU B 471 -16.71 16.63 7.31
N GLU B 472 -16.73 15.95 8.46
CA GLU B 472 -17.29 16.55 9.66
C GLU B 472 -16.47 17.77 10.09
N LYS B 473 -15.19 17.77 9.74
CA LYS B 473 -14.28 18.89 10.05
C LYS B 473 -14.26 19.94 8.94
N ASP B 474 -15.23 19.86 8.04
CA ASP B 474 -15.42 20.77 6.91
C ASP B 474 -14.43 20.64 5.77
N TYR B 475 -13.74 19.50 5.69
CA TYR B 475 -12.86 19.28 4.58
C TYR B 475 -13.78 18.94 3.39
N ARG B 476 -13.42 19.41 2.20
CA ARG B 476 -14.17 19.10 0.96
C ARG B 476 -13.13 19.03 -0.15
N MET B 477 -13.43 18.35 -1.25
CA MET B 477 -12.45 18.27 -2.33
C MET B 477 -12.09 19.67 -2.80
N GLU B 478 -10.88 19.80 -3.30
CA GLU B 478 -10.38 21.08 -3.80
C GLU B 478 -10.93 21.38 -5.19
N ARG B 479 -10.95 22.64 -5.55
CA ARG B 479 -11.45 23.02 -6.88
C ARG B 479 -10.61 22.37 -7.98
N PRO B 480 -11.25 21.71 -8.95
CA PRO B 480 -10.50 21.07 -10.05
C PRO B 480 -9.73 22.11 -10.88
N GLU B 481 -8.61 21.67 -11.45
CA GLU B 481 -7.79 22.53 -12.28
C GLU B 481 -8.64 23.16 -13.39
N GLY B 482 -8.63 24.49 -13.47
CA GLY B 482 -9.39 25.18 -14.50
C GLY B 482 -10.88 25.36 -14.24
N CYS B 483 -11.40 24.76 -13.18
CA CYS B 483 -12.82 24.87 -12.89
C CYS B 483 -13.23 26.30 -12.52
N PRO B 484 -14.24 26.85 -13.21
CA PRO B 484 -14.61 28.21 -12.82
C PRO B 484 -15.12 28.33 -11.37
N GLU B 485 -14.82 29.46 -10.74
CA GLU B 485 -15.21 29.70 -9.36
C GLU B 485 -16.69 29.45 -9.07
N LYS B 486 -17.58 29.95 -9.91
CA LYS B 486 -19.02 29.74 -9.68
C LYS B 486 -19.44 28.28 -9.73
N VAL B 487 -18.74 27.47 -10.52
CA VAL B 487 -19.08 26.06 -10.62
C VAL B 487 -18.66 25.39 -9.30
N TYR B 488 -17.48 25.74 -8.81
CA TYR B 488 -16.99 25.16 -7.55
C TYR B 488 -17.89 25.61 -6.38
N GLU B 489 -18.38 26.85 -6.40
CA GLU B 489 -19.25 27.29 -5.32
C GLU B 489 -20.53 26.47 -5.32
N LEU B 490 -20.99 26.09 -6.51
CA LEU B 490 -22.19 25.25 -6.61
C LEU B 490 -21.88 23.89 -5.95
N MET B 491 -20.68 23.36 -6.23
CA MET B 491 -20.26 22.08 -5.64
C MET B 491 -20.30 22.21 -4.13
N ARG B 492 -19.76 23.32 -3.62
CA ARG B 492 -19.74 23.54 -2.17
C ARG B 492 -21.12 23.70 -1.57
N ALA B 493 -22.06 24.24 -2.34
CA ALA B 493 -23.43 24.42 -1.86
C ALA B 493 -24.04 23.02 -1.73
N CYS B 494 -23.75 22.16 -2.71
CA CYS B 494 -24.27 20.81 -2.69
C CYS B 494 -23.73 20.00 -1.50
N TRP B 495 -22.51 20.34 -1.07
CA TRP B 495 -21.86 19.66 0.03
C TRP B 495 -22.05 20.33 1.40
N GLN B 496 -23.11 21.10 1.58
CA GLN B 496 -23.32 21.65 2.92
C GLN B 496 -23.61 20.46 3.87
N TRP B 497 -23.07 20.53 5.09
CA TRP B 497 -23.25 19.44 6.05
C TRP B 497 -24.72 19.12 6.33
N ASN B 498 -25.50 20.15 6.66
CA ASN B 498 -26.92 19.96 6.97
C ASN B 498 -27.70 19.87 5.68
N PRO B 499 -28.44 18.76 5.48
CA PRO B 499 -29.20 18.63 4.23
C PRO B 499 -30.14 19.79 3.92
N SER B 500 -30.73 20.42 4.92
CA SER B 500 -31.63 21.54 4.65
C SER B 500 -30.87 22.79 4.14
N ASP B 501 -29.54 22.80 4.28
CA ASP B 501 -28.76 23.93 3.82
C ASP B 501 -28.36 23.79 2.35
N ARG B 502 -28.59 22.61 1.77
CA ARG B 502 -28.24 22.37 0.36
C ARG B 502 -29.32 22.90 -0.58
N PRO B 503 -28.93 23.35 -1.80
CA PRO B 503 -29.93 23.86 -2.74
C PRO B 503 -30.79 22.73 -3.30
N SER B 504 -31.95 23.07 -3.86
CA SER B 504 -32.84 22.08 -4.47
C SER B 504 -32.33 21.89 -5.91
N PHE B 505 -32.79 20.84 -6.59
CA PHE B 505 -32.34 20.67 -7.96
C PHE B 505 -32.93 21.76 -8.85
N ALA B 506 -34.11 22.26 -8.50
CA ALA B 506 -34.66 23.37 -9.28
C ALA B 506 -33.69 24.55 -9.22
N GLU B 507 -33.14 24.81 -8.02
CA GLU B 507 -32.20 25.93 -7.87
C GLU B 507 -30.88 25.67 -8.56
N ILE B 508 -30.45 24.43 -8.54
CA ILE B 508 -29.23 24.05 -9.21
C ILE B 508 -29.36 24.22 -10.73
N HIS B 509 -30.46 23.73 -11.29
CA HIS B 509 -30.64 23.87 -12.73
C HIS B 509 -30.68 25.34 -13.19
N GLN B 510 -31.54 26.14 -12.60
CA GLN B 510 -31.68 27.57 -12.94
C GLN B 510 -30.33 28.13 -13.08
N ALA B 511 -29.53 27.49 -12.30
CA ALA B 511 -28.20 27.94 -12.34
C ALA B 511 -27.53 27.41 -13.56
N PHE B 512 -27.67 26.10 -13.84
CA PHE B 512 -26.97 25.52 -14.98
C PHE B 512 -27.52 25.95 -16.32
N GLU B 513 -28.85 26.04 -16.38
CA GLU B 513 -29.43 26.54 -17.62
C GLU B 513 -28.85 27.90 -18.00
N THR B 514 -28.76 28.73 -16.96
CA THR B 514 -28.20 30.05 -17.13
C THR B 514 -26.72 30.01 -17.50
N MET B 515 -25.90 29.38 -16.67
CA MET B 515 -24.47 29.31 -16.97
C MET B 515 -24.26 28.73 -18.37
N PHE B 516 -25.12 27.80 -18.76
CA PHE B 516 -24.99 27.18 -20.07
C PHE B 516 -25.26 28.15 -21.21
N GLN B 517 -26.33 28.94 -21.10
CA GLN B 517 -26.65 29.90 -22.14
C GLN B 517 -25.64 31.04 -22.16
N GLU B 518 -25.21 31.45 -20.97
CA GLU B 518 -24.22 32.51 -20.88
C GLU B 518 -22.92 32.01 -21.53
C1 MYR C . 1.79 -9.75 1.68
O1 MYR C . 0.99 -10.75 1.48
C2 MYR C . 1.88 -9.28 3.14
C3 MYR C . 3.32 -9.23 3.64
C4 MYR C . 3.41 -8.84 5.12
C5 MYR C . 3.89 -7.40 5.34
C6 MYR C . 5.05 -7.31 6.33
C7 MYR C . 5.12 -5.97 7.04
C8 MYR C . 6.27 -5.86 8.01
C9 MYR C . 6.24 -4.56 8.78
C10 MYR C . 7.37 -4.44 9.78
C11 MYR C . 7.46 -3.08 10.44
C12 MYR C . 8.60 -3.01 11.41
C13 MYR C . 9.65 -1.97 11.05
C14 MYR C . 10.35 -1.44 12.29
O1 P16 D . 26.65 2.64 -6.36
C2 P16 D . 25.57 2.55 -5.49
C3 P16 D . 25.43 3.79 -4.60
C4 P16 D . 24.44 4.77 -4.90
C5 P16 D . 24.30 5.92 -4.08
C6 P16 D . 25.16 6.10 -2.94
C7 P16 D . 26.15 5.11 -2.64
N9 P16 D . 27.06 5.19 -1.56
C10 P16 D . 27.44 6.31 -0.86
N11 P16 D . 28.39 6.10 0.11
C12 P16 D . 28.83 7.18 0.80
C13 P16 D . 28.34 8.50 0.56
C16 P16 D . 28.78 9.65 1.28
C17 P16 D . 28.28 10.88 1.00
C18 P16 D . 27.20 11.06 -0.05
O21 P16 D . 26.68 12.13 -0.36
N19 P16 D . 26.79 9.87 -0.75
C14 P16 D . 27.31 8.62 -0.46
N15 P16 D . 26.90 7.53 -1.16
C20 P16 D . 25.74 9.97 -1.80
C22 P16 D . 28.72 12.10 1.71
C27 P16 D . 28.00 12.65 2.81
CL28 P16 D . 26.56 11.83 3.39
C26 P16 D . 28.44 13.83 3.47
C25 P16 D . 29.60 14.51 3.00
C24 P16 D . 30.36 13.99 1.91
C23 P16 D . 29.90 12.81 1.27
CL29 P16 D . 30.83 12.18 -0.06
C8 P16 D . 26.28 3.95 -3.48
O1 P16 E . -21.14 -0.62 -25.74
C2 P16 E . -20.91 0.56 -25.02
C3 P16 E . -21.81 0.71 -23.81
C4 P16 E . -21.33 0.42 -22.49
C5 P16 E . -22.18 0.56 -21.37
C6 P16 E . -23.53 0.98 -21.54
C7 P16 E . -24.04 1.27 -22.85
N9 P16 E . -25.36 1.67 -23.13
C10 P16 E . -26.48 1.50 -22.35
N11 P16 E . -27.66 1.94 -22.92
C12 P16 E . -28.78 1.78 -22.20
C13 P16 E . -28.80 1.17 -20.92
C16 P16 E . -30.00 0.98 -20.14
C17 P16 E . -29.94 0.39 -18.92
C18 P16 E . -28.62 -0.05 -18.33
O21 P16 E . -28.46 -0.58 -17.23
N19 P16 E . -27.44 0.16 -19.14
C14 P16 E . -27.51 0.77 -20.40
N15 P16 E . -26.39 0.92 -21.12
C20 P16 E . -26.11 -0.25 -18.63
C22 P16 E . -31.14 0.15 -18.10
C27 P16 E . -31.53 1.04 -17.06
CL28 P16 E . -30.59 2.49 -16.75
C26 P16 E . -32.69 0.79 -16.26
C25 P16 E . -33.47 -0.39 -16.49
C24 P16 E . -33.11 -1.30 -17.53
C23 P16 E . -31.94 -1.02 -18.31
CL29 P16 E . -31.52 -2.14 -19.58
C8 P16 E . -23.16 1.13 -23.98
#